data_3QUF
#
_entry.id   3QUF
#
_cell.length_a   96.532
_cell.length_b   105.095
_cell.length_c   145.375
_cell.angle_alpha   90.000
_cell.angle_beta   90.000
_cell.angle_gamma   90.000
#
_symmetry.space_group_name_H-M   'C 2 2 21'
#
loop_
_entity.id
_entity.type
_entity.pdbx_description
1 polymer 'Extracellular solute-binding protein, family 1'
2 non-polymer 'SULFATE ION'
3 non-polymer 'ACETIC ACID'
4 water water
#
_entity_poly.entity_id   1
_entity_poly.type   'polypeptide(L)'
_entity_poly.pdbx_seq_one_letter_code
;(MSE)GSSHHHHHHSSGRENLYFQGHGTAGGGKTKISFYSYFKDNQIGEVVKGFEKKNPDITLDVQYGQDPAQYISTLQT
RLAGGKPPTIFNLT(MSE)DNRTDV(MSE)KSGAALDISGEDFLDGIDDTNFALFQQDGKTYG(MSE)PVSAWVGAFFYN
KDILKKAGYDKFPKTWDEFIE(MSE)GKKINSNGSTAFLEDFNTQIAGSFTGLLASYYGEQGKSGDLDADIWSGKSTFTK
DWTPVFKRWEAAAKAGVIPQKSVGLSADQVKQEFVSGNLGV(MSE)RSGPWDLPDLQKSDIDFGVAPFPAYSKEDGQWIN
GGPDQGFAIASRASDKEKAAAKKFLAYLNSEEGLEAFTSAAGTLSLSSKYNAEPPAELKDVVDNYFKQNKFYWVNWPKSP
TV(MSE)STEGIAQQQKIVQGQISAKDAAKALDAKWATLKGS
;
_entity_poly.pdbx_strand_id   A,B
#
loop_
_chem_comp.id
_chem_comp.type
_chem_comp.name
_chem_comp.formula
ACY non-polymer 'ACETIC ACID' 'C2 H4 O2'
SO4 non-polymer 'SULFATE ION' 'O4 S -2'
#
# COMPACT_ATOMS: atom_id res chain seq x y z
N GLY A 27 26.18 -30.35 -10.97
CA GLY A 27 26.10 -29.18 -10.03
C GLY A 27 27.06 -29.15 -8.81
N GLY A 28 27.49 -30.33 -8.32
CA GLY A 28 28.49 -30.44 -7.21
C GLY A 28 28.14 -29.60 -5.95
N LYS A 29 29.13 -28.94 -5.33
CA LYS A 29 28.85 -28.02 -4.20
C LYS A 29 28.38 -26.66 -4.72
N THR A 30 27.54 -26.00 -3.96
CA THR A 30 27.07 -24.68 -4.34
C THR A 30 27.38 -23.73 -3.20
N LYS A 31 28.12 -22.68 -3.50
CA LYS A 31 28.45 -21.65 -2.54
CA LYS A 31 28.42 -21.69 -2.48
C LYS A 31 27.38 -20.55 -2.53
N ILE A 32 26.80 -20.26 -1.37
CA ILE A 32 25.88 -19.12 -1.22
C ILE A 32 26.28 -18.27 -0.01
N SER A 33 25.79 -17.02 0.00
CA SER A 33 26.06 -16.11 1.08
C SER A 33 24.78 -15.63 1.73
N PHE A 34 24.87 -15.24 3.00
CA PHE A 34 23.74 -14.74 3.77
C PHE A 34 24.25 -13.54 4.52
N TYR A 35 23.70 -12.36 4.24
CA TYR A 35 24.02 -11.16 5.01
C TYR A 35 22.88 -11.02 5.98
N SER A 36 23.15 -11.34 7.23
CA SER A 36 22.11 -11.53 8.26
C SER A 36 21.90 -10.30 9.18
N TYR A 37 20.66 -9.89 9.30
CA TYR A 37 20.25 -8.88 10.30
C TYR A 37 20.45 -9.43 11.71
N PHE A 38 20.27 -10.73 11.83
CA PHE A 38 20.32 -11.42 13.13
C PHE A 38 21.73 -11.73 13.50
N LYS A 39 22.04 -11.55 14.79
CA LYS A 39 23.32 -11.89 15.30
C LYS A 39 23.51 -13.41 15.42
N ASP A 40 24.76 -13.84 15.59
CA ASP A 40 25.03 -15.26 15.74
C ASP A 40 24.26 -15.83 16.93
N ASN A 41 24.06 -15.06 18.00
CA ASN A 41 23.35 -15.63 19.17
C ASN A 41 21.88 -15.83 18.89
N GLN A 42 21.37 -15.27 17.80
CA GLN A 42 19.97 -15.49 17.39
C GLN A 42 19.80 -16.53 16.28
N ILE A 43 20.70 -16.52 15.30
CA ILE A 43 20.54 -17.38 14.11
C ILE A 43 21.64 -18.41 13.90
N GLY A 44 22.68 -18.38 14.73
CA GLY A 44 23.84 -19.26 14.52
C GLY A 44 23.51 -20.74 14.55
N GLU A 45 22.63 -21.16 15.46
CA GLU A 45 22.23 -22.57 15.53
CA GLU A 45 22.23 -22.56 15.54
C GLU A 45 21.45 -23.01 14.31
N VAL A 46 20.65 -22.09 13.75
CA VAL A 46 19.97 -22.38 12.49
C VAL A 46 21.00 -22.63 11.39
N VAL A 47 21.96 -21.72 11.27
CA VAL A 47 23.03 -21.84 10.27
C VAL A 47 23.76 -23.17 10.44
N LYS A 48 24.16 -23.48 11.67
CA LYS A 48 24.91 -24.70 11.95
C LYS A 48 24.12 -25.95 11.57
N GLY A 49 22.86 -25.97 11.95
CA GLY A 49 21.98 -27.10 11.64
C GLY A 49 21.80 -27.27 10.16
N PHE A 50 21.60 -26.17 9.45
CA PHE A 50 21.45 -26.24 8.02
C PHE A 50 22.68 -26.83 7.34
N GLU A 51 23.85 -26.30 7.69
CA GLU A 51 25.12 -26.77 7.09
C GLU A 51 25.32 -28.27 7.31
N LYS A 52 25.06 -28.70 8.53
CA LYS A 52 25.20 -30.10 8.90
C LYS A 52 24.36 -31.02 8.01
N LYS A 53 23.15 -30.56 7.68
CA LYS A 53 22.18 -31.36 6.92
C LYS A 53 22.22 -31.18 5.40
N ASN A 54 23.04 -30.25 4.89
CA ASN A 54 23.13 -29.97 3.47
C ASN A 54 24.58 -29.90 3.02
N PRO A 55 25.17 -31.08 2.77
CA PRO A 55 26.60 -31.17 2.61
C PRO A 55 27.08 -30.56 1.32
N ASP A 56 26.17 -30.42 0.33
CA ASP A 56 26.38 -29.89 -0.99
CA ASP A 56 26.62 -29.86 -0.95
C ASP A 56 26.34 -28.36 -1.02
N ILE A 57 26.00 -27.73 0.11
CA ILE A 57 25.85 -26.27 0.15
C ILE A 57 26.83 -25.68 1.12
N THR A 58 27.61 -24.71 0.66
CA THR A 58 28.52 -23.97 1.50
C THR A 58 27.89 -22.61 1.76
N LEU A 59 27.59 -22.30 3.02
CA LEU A 59 26.95 -21.03 3.39
C LEU A 59 27.94 -20.11 4.09
N ASP A 60 28.22 -18.96 3.49
CA ASP A 60 29.09 -17.92 4.07
CA ASP A 60 29.08 -17.94 4.08
C ASP A 60 28.17 -16.88 4.68
N VAL A 61 28.22 -16.72 5.99
CA VAL A 61 27.37 -15.81 6.70
C VAL A 61 28.13 -14.62 7.23
N GLN A 62 27.61 -13.43 6.95
CA GLN A 62 28.05 -12.19 7.59
C GLN A 62 26.92 -11.59 8.42
N TYR A 63 27.31 -10.96 9.51
CA TYR A 63 26.33 -10.54 10.53
C TYR A 63 26.32 -8.99 10.59
N GLY A 64 25.14 -8.38 10.60
CA GLY A 64 24.99 -6.94 10.76
C GLY A 64 25.46 -6.55 12.15
N GLN A 65 25.99 -5.33 12.25
CA GLN A 65 26.48 -4.77 13.53
C GLN A 65 25.36 -4.11 14.31
N ASP A 66 24.47 -3.41 13.60
CA ASP A 66 23.29 -2.80 14.21
C ASP A 66 22.38 -2.44 13.05
N PRO A 67 21.09 -2.19 13.32
CA PRO A 67 20.08 -2.05 12.26
C PRO A 67 20.29 -0.95 11.22
N ALA A 68 20.84 0.21 11.61
CA ALA A 68 21.11 1.28 10.64
C ALA A 68 22.20 0.88 9.72
N GLN A 69 23.23 0.26 10.31
CA GLN A 69 24.35 -0.15 9.58
C GLN A 69 23.89 -1.29 8.68
N TYR A 70 22.99 -2.13 9.16
CA TYR A 70 22.53 -3.28 8.36
C TYR A 70 21.89 -2.79 7.06
N ILE A 71 20.95 -1.88 7.17
CA ILE A 71 20.22 -1.50 5.97
C ILE A 71 21.10 -0.78 4.95
N SER A 72 22.02 0.07 5.41
CA SER A 72 22.84 0.77 4.43
C SER A 72 23.88 -0.17 3.80
N THR A 73 24.43 -1.09 4.59
CA THR A 73 25.42 -2.02 4.09
C THR A 73 24.76 -3.04 3.17
N LEU A 74 23.54 -3.45 3.50
CA LEU A 74 22.83 -4.39 2.62
C LEU A 74 22.55 -3.69 1.28
N GLN A 75 22.11 -2.43 1.33
CA GLN A 75 21.74 -1.75 0.09
C GLN A 75 22.98 -1.66 -0.84
N THR A 76 24.12 -1.35 -0.26
CA THR A 76 25.35 -1.30 -1.03
C THR A 76 25.69 -2.66 -1.64
N ARG A 77 25.58 -3.71 -0.83
CA ARG A 77 25.90 -5.03 -1.32
C ARG A 77 24.93 -5.50 -2.40
N LEU A 78 23.66 -5.17 -2.27
CA LEU A 78 22.67 -5.54 -3.29
C LEU A 78 22.94 -4.81 -4.58
N ALA A 79 23.51 -3.61 -4.49
CA ALA A 79 23.80 -2.81 -5.66
C ALA A 79 25.11 -3.21 -6.35
N GLY A 80 26.00 -3.92 -5.67
CA GLY A 80 27.33 -4.22 -6.16
C GLY A 80 27.37 -5.46 -7.03
N GLY A 81 28.57 -5.98 -7.27
CA GLY A 81 28.75 -7.09 -8.18
C GLY A 81 28.50 -8.46 -7.61
N LYS A 82 28.35 -8.55 -6.29
CA LYS A 82 28.19 -9.83 -5.60
C LYS A 82 27.10 -9.75 -4.52
N PRO A 83 25.81 -9.61 -4.92
CA PRO A 83 24.83 -9.44 -3.85
C PRO A 83 24.74 -10.69 -2.99
N PRO A 84 24.42 -10.54 -1.71
CA PRO A 84 24.22 -11.72 -0.87
C PRO A 84 23.07 -12.56 -1.39
N THR A 85 23.24 -13.87 -1.39
CA THR A 85 22.16 -14.72 -1.85
C THR A 85 20.90 -14.65 -1.01
N ILE A 86 21.09 -14.55 0.31
CA ILE A 86 20.02 -14.46 1.27
C ILE A 86 20.26 -13.22 2.13
N PHE A 87 19.18 -12.55 2.45
CA PHE A 87 19.24 -11.34 3.25
C PHE A 87 17.89 -11.12 3.95
N ASN A 88 17.81 -10.06 4.75
CA ASN A 88 16.58 -9.78 5.47
C ASN A 88 15.88 -8.52 5.05
N LEU A 89 14.55 -8.60 4.98
CA LEU A 89 13.70 -7.47 4.82
C LEU A 89 13.22 -7.09 6.20
N THR A 90 13.66 -5.93 6.64
CA THR A 90 13.35 -5.45 7.97
C THR A 90 12.24 -4.42 7.89
N MSE A 91 11.75 -3.95 9.06
CA MSE A 91 10.71 -2.94 9.02
C MSE A 91 11.20 -1.61 8.48
O MSE A 91 10.40 -0.78 7.97
CB MSE A 91 10.07 -2.77 10.42
CG MSE A 91 9.42 -4.07 10.95
SE MSE A 91 8.02 -4.82 9.80
CE MSE A 91 9.04 -6.26 8.86
N ASP A 92 12.51 -1.40 8.49
CA ASP A 92 13.07 -0.17 7.97
C ASP A 92 13.48 -0.21 6.48
N ASN A 93 13.70 -1.38 5.90
CA ASN A 93 14.12 -1.43 4.50
C ASN A 93 13.19 -2.22 3.59
N ARG A 94 12.08 -2.75 4.11
CA ARG A 94 11.34 -3.76 3.33
C ARG A 94 10.85 -3.20 1.98
N THR A 95 10.27 -2.00 1.97
CA THR A 95 9.75 -1.45 0.71
C THR A 95 10.86 -0.93 -0.21
N ASP A 96 11.92 -0.34 0.36
CA ASP A 96 13.07 0.10 -0.44
C ASP A 96 13.70 -1.07 -1.18
N VAL A 97 13.91 -2.18 -0.47
CA VAL A 97 14.48 -3.37 -1.14
C VAL A 97 13.52 -3.94 -2.19
N MSE A 98 12.26 -4.14 -1.83
CA MSE A 98 11.32 -4.70 -2.79
C MSE A 98 11.23 -3.83 -4.04
O MSE A 98 11.19 -4.35 -5.16
CB MSE A 98 9.95 -4.95 -2.14
CG MSE A 98 9.96 -6.09 -1.15
SE MSE A 98 8.19 -6.55 -0.52
CE MSE A 98 7.73 -4.92 0.44
N LYS A 99 11.18 -2.51 -3.87
CA LYS A 99 11.02 -1.58 -5.00
CA LYS A 99 11.00 -1.61 -5.02
C LYS A 99 12.20 -1.62 -5.95
N SER A 100 13.37 -1.98 -5.40
CA SER A 100 14.57 -2.07 -6.17
C SER A 100 14.64 -3.22 -7.14
N GLY A 101 13.80 -4.21 -6.97
CA GLY A 101 13.89 -5.43 -7.74
C GLY A 101 14.95 -6.42 -7.29
N ALA A 102 15.61 -6.15 -6.16
CA ALA A 102 16.68 -7.05 -5.72
C ALA A 102 16.23 -8.36 -5.11
N ALA A 103 14.97 -8.44 -4.69
CA ALA A 103 14.44 -9.65 -4.07
C ALA A 103 13.73 -10.52 -5.08
N LEU A 104 13.97 -11.81 -4.98
CA LEU A 104 13.33 -12.82 -5.83
C LEU A 104 11.86 -12.96 -5.50
N ASP A 105 11.01 -13.00 -6.51
CA ASP A 105 9.60 -13.38 -6.32
C ASP A 105 9.49 -14.84 -5.91
N ILE A 106 9.07 -15.08 -4.67
CA ILE A 106 8.94 -16.41 -4.10
C ILE A 106 7.48 -16.82 -3.94
N SER A 107 6.60 -16.11 -4.65
CA SER A 107 5.16 -16.44 -4.64
C SER A 107 4.97 -17.94 -4.95
N GLY A 108 4.12 -18.57 -4.16
CA GLY A 108 3.69 -19.95 -4.42
C GLY A 108 4.68 -21.04 -4.02
N GLU A 109 5.84 -20.65 -3.52
CA GLU A 109 6.85 -21.67 -3.20
C GLU A 109 6.34 -22.56 -2.05
N ASP A 110 6.64 -23.85 -2.16
CA ASP A 110 6.17 -24.81 -1.16
C ASP A 110 6.73 -24.54 0.23
N PHE A 111 7.91 -23.94 0.33
CA PHE A 111 8.49 -23.63 1.61
C PHE A 111 7.74 -22.55 2.43
N LEU A 112 6.77 -21.89 1.79
CA LEU A 112 5.90 -20.95 2.48
C LEU A 112 4.77 -21.62 3.23
N ASP A 113 4.53 -22.92 2.99
CA ASP A 113 3.36 -23.55 3.55
C ASP A 113 3.46 -23.60 5.08
N GLY A 114 2.32 -23.38 5.74
CA GLY A 114 2.24 -23.44 7.20
C GLY A 114 2.19 -22.08 7.87
N ILE A 115 2.49 -21.02 7.08
CA ILE A 115 2.48 -19.67 7.59
C ILE A 115 1.26 -18.96 7.03
N ASP A 116 0.43 -18.42 7.91
CA ASP A 116 -0.84 -17.85 7.45
C ASP A 116 -0.60 -16.69 6.47
N ASP A 117 -1.48 -16.61 5.46
CA ASP A 117 -1.27 -15.64 4.36
C ASP A 117 -1.19 -14.17 4.80
N THR A 118 -1.87 -13.79 5.88
CA THR A 118 -1.81 -12.43 6.39
C THR A 118 -0.41 -12.01 6.79
N ASN A 119 0.43 -12.99 7.11
CA ASN A 119 1.82 -12.69 7.48
C ASN A 119 2.72 -12.23 6.34
N PHE A 120 2.22 -12.36 5.10
CA PHE A 120 3.04 -11.98 3.94
C PHE A 120 2.76 -10.57 3.45
N ALA A 121 1.72 -9.90 4.00
CA ALA A 121 1.36 -8.60 3.46
C ALA A 121 2.52 -7.60 3.51
N LEU A 122 3.28 -7.61 4.60
CA LEU A 122 4.40 -6.68 4.73
C LEU A 122 5.57 -7.04 3.78
N PHE A 123 5.51 -8.20 3.16
CA PHE A 123 6.60 -8.67 2.29
C PHE A 123 6.07 -8.92 0.87
N GLN A 124 5.06 -8.17 0.51
CA GLN A 124 4.46 -8.23 -0.81
C GLN A 124 4.48 -6.90 -1.54
N GLN A 125 4.57 -6.98 -2.87
CA GLN A 125 4.55 -5.80 -3.75
C GLN A 125 3.93 -6.25 -5.03
N ASP A 126 2.94 -5.49 -5.53
CA ASP A 126 2.31 -5.80 -6.80
C ASP A 126 1.73 -7.22 -6.80
N GLY A 127 1.31 -7.65 -5.61
CA GLY A 127 0.66 -8.94 -5.40
C GLY A 127 1.59 -10.14 -5.31
N LYS A 128 2.90 -9.89 -5.44
CA LYS A 128 3.90 -10.96 -5.41
C LYS A 128 4.61 -10.95 -4.04
N THR A 129 4.95 -12.14 -3.58
CA THR A 129 5.67 -12.31 -2.32
C THR A 129 7.17 -12.29 -2.54
N TYR A 130 7.85 -11.45 -1.76
CA TYR A 130 9.30 -11.24 -1.86
C TYR A 130 10.04 -11.59 -0.61
N GLY A 131 9.35 -11.99 0.45
CA GLY A 131 10.04 -12.36 1.71
C GLY A 131 9.15 -13.24 2.55
N MSE A 132 9.79 -13.96 3.47
CA MSE A 132 9.08 -14.88 4.33
C MSE A 132 9.47 -14.62 5.77
O MSE A 132 10.65 -14.80 6.12
CB MSE A 132 9.45 -16.34 3.96
CG MSE A 132 8.94 -17.34 4.99
SE MSE A 132 9.64 -19.15 4.71
CE MSE A 132 11.38 -18.81 5.30
N PRO A 133 8.50 -14.25 6.62
CA PRO A 133 8.73 -14.23 8.06
C PRO A 133 8.43 -15.60 8.64
N VAL A 134 9.18 -15.99 9.66
CA VAL A 134 8.89 -17.20 10.36
C VAL A 134 8.64 -17.01 11.86
N SER A 135 8.78 -15.79 12.35
CA SER A 135 8.70 -15.56 13.79
C SER A 135 8.17 -14.17 14.04
N ALA A 136 7.72 -13.95 15.28
CA ALA A 136 7.02 -12.73 15.64
C ALA A 136 7.25 -12.42 17.09
N TRP A 137 7.06 -11.17 17.41
CA TRP A 137 6.98 -10.71 18.78
C TRP A 137 5.56 -10.28 19.09
N VAL A 138 5.25 -10.22 20.38
CA VAL A 138 3.95 -9.75 20.84
C VAL A 138 4.08 -8.85 22.05
N GLY A 139 3.05 -8.03 22.26
CA GLY A 139 2.95 -7.19 23.44
C GLY A 139 1.48 -7.09 23.86
N ALA A 140 1.27 -6.80 25.13
CA ALA A 140 -0.10 -6.81 25.68
C ALA A 140 -0.12 -6.06 27.02
N PHE A 141 -1.27 -6.07 27.69
CA PHE A 141 -1.41 -5.40 28.97
C PHE A 141 -1.08 -6.38 30.11
N PHE A 142 -0.20 -5.96 30.99
CA PHE A 142 0.13 -6.67 32.20
C PHE A 142 -0.53 -5.90 33.34
N TYR A 143 -1.24 -6.60 34.21
CA TYR A 143 -1.99 -5.92 35.29
C TYR A 143 -1.79 -6.53 36.68
N ASN A 144 -1.91 -5.67 37.67
CA ASN A 144 -1.73 -6.04 39.08
C ASN A 144 -3.11 -6.46 39.60
N LYS A 145 -3.29 -7.76 39.78
CA LYS A 145 -4.60 -8.30 40.17
C LYS A 145 -5.13 -7.71 41.48
N ASP A 146 -4.24 -7.38 42.40
CA ASP A 146 -4.62 -6.83 43.72
C ASP A 146 -5.14 -5.43 43.61
N ILE A 147 -4.48 -4.59 42.81
CA ILE A 147 -4.97 -3.24 42.56
C ILE A 147 -6.34 -3.32 41.87
N LEU A 148 -6.48 -4.18 40.86
CA LEU A 148 -7.78 -4.30 40.20
C LEU A 148 -8.88 -4.78 41.16
N LYS A 149 -8.56 -5.76 41.98
CA LYS A 149 -9.55 -6.29 42.94
C LYS A 149 -10.05 -5.20 43.90
N LYS A 150 -9.13 -4.39 44.40
CA LYS A 150 -9.47 -3.27 45.28
C LYS A 150 -10.46 -2.32 44.58
N ALA A 151 -10.34 -2.16 43.25
CA ALA A 151 -11.26 -1.33 42.49
C ALA A 151 -12.54 -2.07 42.04
N GLY A 152 -12.71 -3.32 42.48
CA GLY A 152 -13.89 -4.13 42.16
C GLY A 152 -13.84 -4.99 40.90
N TYR A 153 -12.65 -5.17 40.32
CA TYR A 153 -12.49 -5.97 39.11
C TYR A 153 -11.77 -7.27 39.38
N ASP A 154 -12.44 -8.39 39.11
CA ASP A 154 -11.82 -9.71 39.18
CA ASP A 154 -11.81 -9.70 39.19
C ASP A 154 -11.34 -10.17 37.81
N LYS A 155 -11.73 -9.42 36.75
CA LYS A 155 -11.37 -9.69 35.37
C LYS A 155 -10.98 -8.38 34.69
N PHE A 156 -10.16 -8.48 33.65
CA PHE A 156 -9.71 -7.28 32.97
C PHE A 156 -10.81 -6.76 32.05
N PRO A 157 -10.98 -5.43 32.01
CA PRO A 157 -11.94 -4.82 31.09
C PRO A 157 -11.83 -5.26 29.64
N LYS A 158 -12.98 -5.56 29.05
CA LYS A 158 -13.05 -6.00 27.68
C LYS A 158 -13.08 -4.85 26.67
N THR A 159 -13.63 -3.68 27.05
CA THR A 159 -13.72 -2.56 26.14
C THR A 159 -13.01 -1.35 26.69
N TRP A 160 -12.63 -0.46 25.80
CA TRP A 160 -11.94 0.76 26.21
C TRP A 160 -12.75 1.63 27.20
N ASP A 161 -14.06 1.72 26.97
CA ASP A 161 -14.91 2.51 27.89
CA ASP A 161 -14.92 2.49 27.89
C ASP A 161 -14.84 1.89 29.29
N GLU A 162 -14.86 0.57 29.38
CA GLU A 162 -14.71 -0.12 30.69
C GLU A 162 -13.32 0.08 31.30
N PHE A 163 -12.32 0.13 30.44
CA PHE A 163 -10.96 0.45 30.88
C PHE A 163 -10.86 1.85 31.49
N ILE A 164 -11.55 2.82 30.89
CA ILE A 164 -11.54 4.18 31.41
C ILE A 164 -12.24 4.17 32.78
N GLU A 165 -13.38 3.50 32.87
CA GLU A 165 -14.12 3.42 34.14
C GLU A 165 -13.27 2.73 35.22
N MSE A 166 -12.56 1.67 34.86
CA MSE A 166 -11.67 0.98 35.81
CA MSE A 166 -11.65 0.97 35.78
C MSE A 166 -10.54 1.89 36.27
O MSE A 166 -10.21 1.91 37.46
CB MSE A 166 -11.08 -0.28 35.18
CB MSE A 166 -10.98 -0.24 35.10
CG MSE A 166 -10.25 -1.15 36.11
CG MSE A 166 -9.87 -0.94 35.92
SE MSE A 166 -9.07 -2.34 35.14
SE MSE A 166 -8.33 -1.53 34.82
CE MSE A 166 -8.07 -0.98 34.13
CE MSE A 166 -7.52 0.23 34.48
N GLY A 167 -9.98 2.63 35.34
CA GLY A 167 -8.86 3.50 35.62
C GLY A 167 -9.25 4.60 36.62
N LYS A 168 -10.44 5.16 36.43
CA LYS A 168 -10.89 6.27 37.28
C LYS A 168 -10.99 5.80 38.70
N LYS A 169 -11.50 4.59 38.88
CA LYS A 169 -11.65 3.98 40.20
C LYS A 169 -10.31 3.69 40.85
N ILE A 170 -9.35 3.17 40.08
CA ILE A 170 -8.02 2.92 40.62
C ILE A 170 -7.38 4.23 41.06
N ASN A 171 -7.55 5.29 40.28
CA ASN A 171 -6.86 6.54 40.58
C ASN A 171 -7.40 7.16 41.85
N SER A 172 -8.70 6.96 42.05
CA SER A 172 -9.41 7.34 43.28
C SER A 172 -8.71 6.82 44.53
N ASN A 173 -8.17 5.60 44.47
CA ASN A 173 -7.52 4.97 45.62
C ASN A 173 -6.03 5.29 45.77
N GLY A 174 -5.60 6.46 45.29
CA GLY A 174 -4.20 6.91 45.45
C GLY A 174 -3.18 6.10 44.66
N SER A 175 -3.68 5.11 43.91
CA SER A 175 -2.88 4.25 43.09
C SER A 175 -2.95 4.87 41.72
N THR A 176 -2.07 4.43 40.83
CA THR A 176 -2.01 4.95 39.47
C THR A 176 -2.52 3.85 38.56
N ALA A 177 -3.51 4.15 37.73
CA ALA A 177 -4.16 3.13 36.91
C ALA A 177 -3.23 2.62 35.83
N PHE A 178 -2.59 3.55 35.12
CA PHE A 178 -1.87 3.21 33.90
C PHE A 178 -0.78 4.24 33.62
N LEU A 179 0.37 3.73 33.21
CA LEU A 179 1.43 4.55 32.70
C LEU A 179 1.94 3.90 31.43
N GLU A 180 2.45 4.70 30.53
CA GLU A 180 3.00 4.18 29.29
C GLU A 180 4.19 4.97 28.80
N ASP A 181 5.12 4.26 28.17
CA ASP A 181 6.28 4.87 27.52
C ASP A 181 5.81 5.47 26.16
N PHE A 182 5.68 6.80 26.10
CA PHE A 182 5.35 7.52 24.85
C PHE A 182 6.60 8.08 24.09
N ASN A 183 7.80 7.74 24.53
CA ASN A 183 9.03 8.44 24.10
C ASN A 183 9.71 7.90 22.90
N THR A 184 9.67 6.58 22.76
CA THR A 184 10.51 5.83 21.84
CA THR A 184 10.52 5.91 21.80
C THR A 184 9.74 5.25 20.65
N GLN A 185 8.43 5.14 20.79
CA GLN A 185 7.61 4.57 19.75
C GLN A 185 6.17 5.01 19.90
N ILE A 186 5.39 4.77 18.87
CA ILE A 186 3.93 4.96 18.92
C ILE A 186 3.46 4.14 20.13
N ALA A 187 2.51 4.69 20.90
CA ALA A 187 2.01 4.04 22.09
C ALA A 187 1.40 2.69 21.76
N GLY A 188 1.79 1.68 22.53
CA GLY A 188 1.22 0.34 22.35
C GLY A 188 -0.29 0.29 22.63
N SER A 189 -0.75 1.03 23.62
CA SER A 189 -2.21 1.04 23.92
C SER A 189 -3.02 1.62 22.76
N PHE A 190 -2.53 2.72 22.19
CA PHE A 190 -3.15 3.32 21.04
C PHE A 190 -3.16 2.32 19.89
N THR A 191 -2.04 1.65 19.66
CA THR A 191 -1.95 0.70 18.53
C THR A 191 -2.96 -0.42 18.73
N GLY A 192 -3.10 -0.90 19.96
CA GLY A 192 -4.08 -1.94 20.27
C GLY A 192 -5.50 -1.50 20.00
N LEU A 193 -5.79 -0.23 20.31
CA LEU A 193 -7.11 0.33 20.09
C LEU A 193 -7.38 0.53 18.61
N LEU A 194 -6.37 1.01 17.89
CA LEU A 194 -6.40 1.12 16.44
C LEU A 194 -6.65 -0.23 15.79
N ALA A 195 -5.95 -1.27 16.28
CA ALA A 195 -6.03 -2.60 15.71
C ALA A 195 -7.48 -3.08 15.84
N SER A 196 -8.09 -2.81 16.99
CA SER A 196 -9.49 -3.18 17.21
C SER A 196 -10.42 -2.41 16.32
N TYR A 197 -10.22 -1.10 16.22
CA TYR A 197 -11.01 -0.27 15.31
C TYR A 197 -11.12 -0.88 13.93
N TYR A 198 -10.01 -1.37 13.41
CA TYR A 198 -9.97 -2.00 12.12
C TYR A 198 -10.48 -3.44 12.14
N GLY A 199 -10.07 -4.20 13.15
CA GLY A 199 -10.39 -5.62 13.20
C GLY A 199 -11.88 -5.83 13.38
N GLU A 200 -12.53 -4.93 14.10
CA GLU A 200 -13.98 -5.02 14.31
C GLU A 200 -14.74 -4.85 13.02
N GLN A 201 -14.13 -4.18 12.03
CA GLN A 201 -14.69 -4.05 10.69
C GLN A 201 -14.39 -5.22 9.78
N GLY A 202 -13.69 -6.24 10.28
CA GLY A 202 -13.34 -7.43 9.47
C GLY A 202 -11.97 -7.37 8.81
N LYS A 203 -11.20 -6.33 9.12
CA LYS A 203 -9.86 -6.22 8.54
C LYS A 203 -8.87 -7.16 9.22
N SER A 204 -7.84 -7.55 8.48
CA SER A 204 -6.78 -8.45 8.96
C SER A 204 -5.46 -8.08 8.28
N GLY A 205 -4.35 -8.61 8.79
CA GLY A 205 -3.05 -8.38 8.16
C GLY A 205 -2.58 -6.95 8.34
N ASP A 206 -2.27 -6.28 7.24
CA ASP A 206 -1.81 -4.91 7.26
C ASP A 206 -3.01 -3.97 7.40
N LEU A 207 -3.40 -3.70 8.64
CA LEU A 207 -4.67 -3.08 8.95
C LEU A 207 -4.81 -1.67 8.40
N ASP A 208 -3.70 -0.94 8.31
CA ASP A 208 -3.68 0.42 7.82
C ASP A 208 -3.59 0.53 6.27
N ALA A 209 -3.79 -0.58 5.56
CA ALA A 209 -3.59 -0.57 4.11
C ALA A 209 -4.41 0.45 3.31
N ASP A 210 -5.60 0.82 3.75
CA ASP A 210 -6.40 1.89 3.07
C ASP A 210 -5.62 3.20 3.06
N ILE A 211 -4.94 3.51 4.16
CA ILE A 211 -4.07 4.69 4.19
C ILE A 211 -2.89 4.51 3.25
N TRP A 212 -2.23 3.37 3.30
CA TRP A 212 -1.02 3.18 2.50
C TRP A 212 -1.35 3.28 1.02
N SER A 213 -2.53 2.78 0.64
CA SER A 213 -2.91 2.73 -0.78
C SER A 213 -3.59 4.02 -1.27
N GLY A 214 -3.80 4.99 -0.37
CA GLY A 214 -4.39 6.28 -0.71
C GLY A 214 -5.91 6.28 -0.73
N LYS A 215 -6.51 5.15 -0.36
CA LYS A 215 -7.98 5.02 -0.34
C LYS A 215 -8.61 5.68 0.89
N SER A 216 -7.78 5.94 1.91
CA SER A 216 -8.23 6.65 3.09
C SER A 216 -7.09 7.52 3.62
N THR A 217 -7.33 8.14 4.76
CA THR A 217 -6.42 9.09 5.37
C THR A 217 -6.37 8.89 6.87
N PHE A 218 -5.33 9.42 7.50
CA PHE A 218 -5.30 9.47 8.97
C PHE A 218 -6.48 10.27 9.52
N THR A 219 -6.84 11.37 8.87
CA THR A 219 -7.99 12.13 9.30
C THR A 219 -9.27 11.31 9.32
N LYS A 220 -9.46 10.46 8.32
CA LYS A 220 -10.67 9.61 8.31
C LYS A 220 -10.62 8.52 9.38
N ASP A 221 -9.48 7.82 9.46
CA ASP A 221 -9.45 6.57 10.24
C ASP A 221 -8.78 6.65 11.60
N TRP A 222 -7.75 7.47 11.76
CA TRP A 222 -7.10 7.57 13.04
C TRP A 222 -7.82 8.53 13.97
N THR A 223 -8.51 9.54 13.41
CA THR A 223 -9.23 10.51 14.27
C THR A 223 -10.13 9.88 15.31
N PRO A 224 -11.00 8.94 14.90
CA PRO A 224 -11.90 8.34 15.90
C PRO A 224 -11.18 7.54 16.97
N VAL A 225 -10.02 7.01 16.63
CA VAL A 225 -9.22 6.25 17.59
C VAL A 225 -8.52 7.20 18.53
N PHE A 226 -7.97 8.28 17.99
CA PHE A 226 -7.38 9.30 18.82
C PHE A 226 -8.44 9.88 19.77
N LYS A 227 -9.68 10.01 19.31
CA LYS A 227 -10.76 10.56 20.16
C LYS A 227 -10.98 9.70 21.39
N ARG A 228 -11.00 8.39 21.20
CA ARG A 228 -11.22 7.47 22.30
C ARG A 228 -9.99 7.41 23.19
N TRP A 229 -8.82 7.45 22.57
CA TRP A 229 -7.57 7.49 23.33
C TRP A 229 -7.48 8.81 24.11
N GLU A 230 -7.82 9.95 23.50
CA GLU A 230 -7.84 11.25 24.18
C GLU A 230 -8.80 11.21 25.39
N ALA A 231 -9.93 10.53 25.22
CA ALA A 231 -10.93 10.44 26.30
C ALA A 231 -10.35 9.79 27.55
N ALA A 232 -9.48 8.78 27.38
CA ALA A 232 -8.80 8.17 28.52
C ALA A 232 -7.83 9.17 29.16
N ALA A 233 -7.19 10.01 28.35
CA ALA A 233 -6.31 11.05 28.89
C ALA A 233 -7.13 12.09 29.66
N LYS A 234 -8.26 12.49 29.09
CA LYS A 234 -9.08 13.55 29.72
C LYS A 234 -9.67 13.06 31.04
N ALA A 235 -9.89 11.75 31.12
CA ALA A 235 -10.37 11.08 32.32
C ALA A 235 -9.30 10.89 33.41
N GLY A 236 -8.04 11.21 33.10
CA GLY A 236 -6.95 11.01 34.05
C GLY A 236 -6.34 9.61 34.01
N VAL A 237 -6.85 8.74 33.14
CA VAL A 237 -6.40 7.33 33.07
C VAL A 237 -5.07 7.18 32.31
N ILE A 238 -4.88 7.96 31.24
CA ILE A 238 -3.56 8.17 30.65
C ILE A 238 -3.05 9.54 31.15
N PRO A 239 -2.23 9.55 32.21
CA PRO A 239 -2.00 10.82 32.96
C PRO A 239 -0.86 11.66 32.40
N GLN A 240 -0.85 12.99 32.64
CA GLN A 240 0.22 13.82 32.06
C GLN A 240 1.57 13.42 32.66
N LYS A 241 1.55 12.87 33.85
CA LYS A 241 2.77 12.41 34.51
C LYS A 241 3.42 11.24 33.79
N SER A 242 2.71 10.67 32.82
CA SER A 242 3.27 9.60 32.00
C SER A 242 4.17 10.13 30.87
N VAL A 243 4.06 11.42 30.49
CA VAL A 243 4.92 11.93 29.41
C VAL A 243 6.33 12.06 29.92
N GLY A 244 7.27 11.53 29.15
CA GLY A 244 8.69 11.60 29.48
C GLY A 244 9.17 10.37 30.22
N LEU A 245 8.27 9.54 30.72
CA LEU A 245 8.73 8.29 31.39
C LEU A 245 9.32 7.31 30.41
N SER A 246 10.39 6.65 30.80
CA SER A 246 10.95 5.55 30.03
C SER A 246 10.23 4.24 30.36
N ALA A 247 10.46 3.24 29.52
CA ALA A 247 9.92 1.88 29.71
C ALA A 247 10.36 1.36 31.06
N ASP A 248 11.64 1.54 31.40
CA ASP A 248 12.14 1.08 32.70
C ASP A 248 11.47 1.77 33.91
N GLN A 249 11.18 3.06 33.79
CA GLN A 249 10.48 3.77 34.88
C GLN A 249 9.04 3.24 35.07
N VAL A 250 8.36 2.96 33.97
CA VAL A 250 7.05 2.37 34.06
C VAL A 250 7.12 1.02 34.76
N LYS A 251 8.09 0.21 34.36
CA LYS A 251 8.24 -1.14 34.91
C LYS A 251 8.53 -1.09 36.40
N GLN A 252 9.36 -0.13 36.80
CA GLN A 252 9.67 0.08 38.21
C GLN A 252 8.42 0.42 39.01
N GLU A 253 7.54 1.27 38.49
CA GLU A 253 6.28 1.56 39.19
C GLU A 253 5.40 0.31 39.34
N PHE A 254 5.38 -0.53 38.31
CA PHE A 254 4.59 -1.77 38.37
C PHE A 254 5.11 -2.74 39.46
N VAL A 255 6.40 -3.02 39.39
CA VAL A 255 7.08 -3.90 40.34
C VAL A 255 6.98 -3.40 41.81
N SER A 256 6.89 -2.07 41.98
CA SER A 256 6.73 -1.48 43.31
C SER A 256 5.30 -1.54 43.88
N GLY A 257 4.34 -2.01 43.09
CA GLY A 257 2.98 -2.16 43.56
C GLY A 257 2.17 -0.90 43.46
N ASN A 258 2.66 0.07 42.67
CA ASN A 258 2.02 1.36 42.58
C ASN A 258 1.15 1.54 41.34
N LEU A 259 1.15 0.55 40.45
CA LEU A 259 0.62 0.70 39.09
C LEU A 259 -0.34 -0.43 38.71
N GLY A 260 -1.57 -0.07 38.32
CA GLY A 260 -2.56 -1.06 37.93
C GLY A 260 -2.20 -1.84 36.68
N VAL A 261 -1.72 -1.13 35.66
CA VAL A 261 -1.60 -1.71 34.31
C VAL A 261 -0.42 -1.11 33.61
N MSE A 262 0.33 -1.94 32.89
CA MSE A 262 1.38 -1.48 31.98
C MSE A 262 1.32 -2.28 30.69
O MSE A 262 0.85 -3.42 30.71
CB MSE A 262 2.75 -1.68 32.65
CG MSE A 262 3.22 -3.12 32.67
SE MSE A 262 5.07 -3.29 33.38
CE MSE A 262 6.04 -2.52 32.00
N ARG A 263 1.82 -1.69 29.60
CA ARG A 263 2.03 -2.42 28.37
C ARG A 263 3.40 -3.06 28.45
N SER A 264 3.48 -4.36 28.22
CA SER A 264 4.77 -5.02 28.14
C SER A 264 4.68 -6.25 27.25
N GLY A 265 5.67 -7.12 27.37
CA GLY A 265 5.73 -8.29 26.53
C GLY A 265 6.59 -9.35 27.21
N PRO A 266 6.83 -10.45 26.50
CA PRO A 266 7.46 -11.62 27.11
C PRO A 266 8.83 -11.33 27.72
N TRP A 267 9.51 -10.37 27.11
CA TRP A 267 10.83 -9.89 27.60
C TRP A 267 10.85 -9.48 29.09
N ASP A 268 9.73 -8.99 29.61
CA ASP A 268 9.63 -8.59 31.02
C ASP A 268 9.17 -9.70 31.98
N LEU A 269 8.90 -10.90 31.48
CA LEU A 269 8.33 -11.93 32.35
C LEU A 269 9.26 -12.31 33.49
N PRO A 270 10.55 -12.42 33.22
CA PRO A 270 11.46 -12.82 34.30
C PRO A 270 11.47 -11.85 35.47
N ASP A 271 11.49 -10.55 35.16
CA ASP A 271 11.40 -9.52 36.20
C ASP A 271 10.05 -9.52 36.92
N LEU A 272 8.95 -9.77 36.18
CA LEU A 272 7.65 -9.76 36.81
C LEU A 272 7.46 -10.98 37.72
N GLN A 273 8.01 -12.11 37.30
CA GLN A 273 7.89 -13.33 38.09
C GLN A 273 8.73 -13.24 39.37
N LYS A 274 9.90 -12.63 39.26
CA LYS A 274 10.75 -12.31 40.44
C LYS A 274 10.07 -11.40 41.46
N SER A 275 9.22 -10.49 40.98
CA SER A 275 8.61 -9.47 41.81
C SER A 275 7.56 -10.09 42.72
N ASP A 276 7.04 -9.25 43.62
CA ASP A 276 5.97 -9.61 44.53
C ASP A 276 4.58 -9.44 43.91
N ILE A 277 4.50 -9.06 42.64
CA ILE A 277 3.21 -8.75 42.06
C ILE A 277 2.47 -10.00 41.57
N ASP A 278 1.23 -10.14 42.00
CA ASP A 278 0.31 -11.11 41.43
C ASP A 278 -0.25 -10.46 40.16
N PHE A 279 0.35 -10.78 39.03
CA PHE A 279 0.00 -10.12 37.74
C PHE A 279 -0.74 -11.04 36.77
N GLY A 280 -1.60 -10.45 35.94
CA GLY A 280 -2.20 -11.17 34.82
C GLY A 280 -1.85 -10.48 33.53
N VAL A 281 -2.19 -11.11 32.40
CA VAL A 281 -1.90 -10.56 31.09
C VAL A 281 -3.14 -10.59 30.23
N ALA A 282 -3.54 -9.43 29.70
CA ALA A 282 -4.78 -9.30 28.95
C ALA A 282 -4.49 -8.66 27.61
N PRO A 283 -5.29 -8.98 26.58
CA PRO A 283 -5.20 -8.18 25.38
C PRO A 283 -5.65 -6.75 25.64
N PHE A 284 -5.41 -5.86 24.69
CA PHE A 284 -5.88 -4.49 24.86
C PHE A 284 -7.40 -4.45 24.79
N PRO A 285 -8.02 -3.54 25.54
CA PRO A 285 -9.46 -3.40 25.44
C PRO A 285 -9.92 -3.07 24.03
N ALA A 286 -11.09 -3.57 23.69
CA ALA A 286 -11.64 -3.32 22.37
C ALA A 286 -12.11 -1.87 22.19
N TYR A 287 -12.07 -1.44 20.95
CA TYR A 287 -12.67 -0.16 20.55
C TYR A 287 -14.16 -0.09 20.86
N SER A 288 -14.92 -1.14 20.57
CA SER A 288 -16.37 -1.13 20.80
C SER A 288 -17.06 -2.45 21.13
N LYS A 289 -16.56 -3.57 20.59
CA LYS A 289 -17.22 -4.87 20.72
C LYS A 289 -16.68 -5.70 21.88
N GLU A 290 -17.56 -6.52 22.47
CA GLU A 290 -17.16 -7.33 23.63
C GLU A 290 -16.06 -8.33 23.27
N ASP A 291 -15.96 -8.70 22.01
CA ASP A 291 -14.93 -9.60 21.53
C ASP A 291 -13.90 -8.97 20.60
N GLY A 292 -13.74 -7.66 20.69
CA GLY A 292 -12.98 -6.90 19.69
C GLY A 292 -11.53 -6.64 20.08
N GLN A 293 -11.01 -7.44 21.01
CA GLN A 293 -9.65 -7.22 21.53
C GLN A 293 -8.54 -7.70 20.59
N TRP A 294 -7.45 -6.93 20.56
CA TRP A 294 -6.22 -7.23 19.82
C TRP A 294 -5.02 -7.15 20.75
N ILE A 295 -3.91 -7.73 20.31
CA ILE A 295 -2.62 -7.54 20.97
C ILE A 295 -1.69 -6.81 20.01
N ASN A 296 -0.59 -6.32 20.56
CA ASN A 296 0.47 -5.80 19.73
C ASN A 296 1.29 -6.98 19.18
N GLY A 297 1.85 -6.79 18.01
CA GLY A 297 2.83 -7.73 17.53
C GLY A 297 3.14 -7.52 16.07
N GLY A 298 4.15 -8.23 15.61
CA GLY A 298 4.55 -8.14 14.21
C GLY A 298 5.63 -9.15 13.91
N PRO A 299 5.96 -9.31 12.61
CA PRO A 299 6.97 -10.24 12.22
C PRO A 299 8.36 -9.78 12.67
N ASP A 300 9.18 -10.70 13.12
CA ASP A 300 10.59 -10.42 13.46
C ASP A 300 11.41 -10.52 12.16
N GLN A 301 11.20 -9.52 11.30
CA GLN A 301 11.75 -9.42 9.95
C GLN A 301 11.38 -10.60 9.02
N GLY A 302 11.77 -10.46 7.77
CA GLY A 302 11.51 -11.46 6.74
C GLY A 302 12.82 -11.89 6.11
N PHE A 303 12.80 -13.07 5.52
CA PHE A 303 13.93 -13.60 4.76
C PHE A 303 13.65 -13.56 3.29
N ALA A 304 14.64 -13.17 2.51
CA ALA A 304 14.52 -12.98 1.07
C ALA A 304 15.72 -13.57 0.36
N ILE A 305 15.53 -13.89 -0.91
CA ILE A 305 16.59 -14.40 -1.78
C ILE A 305 16.87 -13.34 -2.88
N ALA A 306 18.13 -13.23 -3.28
CA ALA A 306 18.57 -12.29 -4.33
C ALA A 306 17.98 -12.72 -5.67
N SER A 307 17.40 -11.77 -6.39
CA SER A 307 17.05 -12.04 -7.78
C SER A 307 18.28 -12.15 -8.68
N ARG A 308 19.37 -11.48 -8.31
CA ARG A 308 20.62 -11.54 -9.04
C ARG A 308 21.54 -12.56 -8.39
N ALA A 309 21.35 -13.80 -8.81
CA ALA A 309 22.04 -14.98 -8.23
C ALA A 309 21.91 -16.04 -9.29
N SER A 310 22.78 -17.02 -9.25
CA SER A 310 22.76 -18.08 -10.25
C SER A 310 21.57 -19.01 -9.98
N ASP A 311 21.23 -19.82 -10.99
CA ASP A 311 20.20 -20.78 -10.83
C ASP A 311 20.47 -21.70 -9.63
N LYS A 312 21.70 -22.20 -9.54
CA LYS A 312 22.02 -23.14 -8.45
C LYS A 312 22.06 -22.45 -7.10
N GLU A 313 22.50 -21.20 -7.10
CA GLU A 313 22.52 -20.44 -5.88
C GLU A 313 21.09 -20.22 -5.37
N LYS A 314 20.19 -19.86 -6.27
CA LYS A 314 18.80 -19.68 -5.91
C LYS A 314 18.20 -20.96 -5.34
N ALA A 315 18.50 -22.07 -5.99
CA ALA A 315 18.01 -23.38 -5.53
C ALA A 315 18.49 -23.69 -4.11
N ALA A 316 19.75 -23.41 -3.84
CA ALA A 316 20.34 -23.65 -2.53
C ALA A 316 19.72 -22.72 -1.48
N ALA A 317 19.52 -21.46 -1.84
CA ALA A 317 18.88 -20.48 -0.95
C ALA A 317 17.46 -20.89 -0.58
N LYS A 318 16.73 -21.44 -1.54
CA LYS A 318 15.40 -21.97 -1.27
C LYS A 318 15.46 -23.11 -0.24
N LYS A 319 16.50 -23.95 -0.31
CA LYS A 319 16.68 -25.00 0.72
C LYS A 319 16.92 -24.40 2.11
N PHE A 320 17.62 -23.28 2.19
CA PHE A 320 17.81 -22.59 3.46
C PHE A 320 16.50 -22.02 4.01
N LEU A 321 15.70 -21.38 3.15
CA LEU A 321 14.37 -20.89 3.57
C LEU A 321 13.48 -22.03 4.00
N ALA A 322 13.55 -23.15 3.31
CA ALA A 322 12.78 -24.33 3.67
C ALA A 322 13.18 -24.86 5.03
N TYR A 323 14.49 -24.86 5.31
CA TYR A 323 14.99 -25.29 6.61
C TYR A 323 14.54 -24.36 7.72
N LEU A 324 14.59 -23.06 7.47
CA LEU A 324 14.10 -22.06 8.43
CA LEU A 324 14.12 -22.10 8.43
C LEU A 324 12.65 -22.36 8.80
N ASN A 325 11.84 -22.63 7.79
CA ASN A 325 10.45 -23.07 7.97
C ASN A 325 10.31 -24.58 8.05
N SER A 326 11.01 -25.15 9.03
CA SER A 326 10.93 -26.57 9.39
C SER A 326 10.91 -26.64 10.92
N GLU A 327 10.49 -27.78 11.46
CA GLU A 327 10.36 -27.92 12.90
C GLU A 327 11.71 -27.66 13.60
N GLU A 328 12.77 -28.21 13.07
CA GLU A 328 14.10 -28.06 13.65
C GLU A 328 14.56 -26.61 13.56
N GLY A 329 14.39 -26.03 12.39
CA GLY A 329 14.79 -24.62 12.18
C GLY A 329 14.05 -23.66 13.06
N LEU A 330 12.74 -23.84 13.12
CA LEU A 330 11.86 -22.94 13.89
C LEU A 330 12.16 -23.02 15.37
N GLU A 331 12.36 -24.21 15.88
CA GLU A 331 12.66 -24.38 17.30
C GLU A 331 13.97 -23.67 17.65
N ALA A 332 14.98 -23.89 16.80
CA ALA A 332 16.28 -23.27 17.02
C ALA A 332 16.21 -21.74 16.97
N PHE A 333 15.51 -21.20 16.01
CA PHE A 333 15.45 -19.75 15.83
C PHE A 333 14.62 -19.09 16.93
N THR A 334 13.41 -19.61 17.19
CA THR A 334 12.53 -18.97 18.16
C THR A 334 13.09 -19.08 19.58
N SER A 335 13.72 -20.19 19.89
CA SER A 335 14.28 -20.36 21.25
C SER A 335 15.46 -19.39 21.45
N ALA A 336 16.32 -19.22 20.44
CA ALA A 336 17.49 -18.32 20.56
C ALA A 336 17.10 -16.85 20.56
N ALA A 337 16.11 -16.49 19.74
CA ALA A 337 15.69 -15.13 19.57
C ALA A 337 14.65 -14.69 20.58
N GLY A 338 14.05 -15.63 21.32
CA GLY A 338 12.96 -15.31 22.23
C GLY A 338 11.64 -14.88 21.59
N THR A 339 11.37 -15.41 20.42
CA THR A 339 10.20 -15.04 19.64
C THR A 339 9.23 -16.20 19.50
N LEU A 340 8.10 -15.92 18.86
CA LEU A 340 7.08 -16.92 18.62
C LEU A 340 7.08 -17.34 17.16
N SER A 341 6.77 -18.61 16.92
CA SER A 341 6.73 -19.10 15.56
C SER A 341 5.47 -18.62 14.82
N LEU A 342 5.63 -18.21 13.56
CA LEU A 342 4.49 -17.96 12.68
C LEU A 342 4.08 -19.16 11.82
N SER A 343 4.68 -20.31 12.03
CA SER A 343 4.43 -21.49 11.22
C SER A 343 3.83 -22.61 12.04
N SER A 344 2.85 -23.27 11.46
CA SER A 344 2.21 -24.43 12.13
C SER A 344 3.14 -25.64 12.23
N LYS A 345 4.33 -25.58 11.65
CA LYS A 345 5.28 -26.68 11.78
C LYS A 345 5.94 -26.72 13.13
N TYR A 346 5.85 -25.64 13.91
CA TYR A 346 6.37 -25.66 15.26
C TYR A 346 5.67 -24.64 16.10
N ASN A 347 5.27 -25.00 17.32
CA ASN A 347 4.93 -23.96 18.28
CA ASN A 347 4.85 -23.97 18.25
C ASN A 347 5.32 -24.36 19.67
N ALA A 348 5.93 -23.40 20.37
CA ALA A 348 6.33 -23.68 21.77
C ALA A 348 5.11 -23.54 22.67
N GLU A 349 5.14 -24.23 23.80
CA GLU A 349 4.16 -24.05 24.83
C GLU A 349 4.34 -22.70 25.49
N PRO A 350 3.30 -21.88 25.48
CA PRO A 350 3.55 -20.57 26.08
C PRO A 350 3.62 -20.65 27.62
N PRO A 351 4.35 -19.71 28.25
CA PRO A 351 4.24 -19.54 29.69
C PRO A 351 2.78 -19.40 30.07
N ALA A 352 2.39 -20.01 31.20
CA ALA A 352 1.01 -19.97 31.68
C ALA A 352 0.36 -18.61 31.64
N GLU A 353 1.10 -17.59 32.06
CA GLU A 353 0.54 -16.25 32.14
C GLU A 353 0.18 -15.71 30.73
N LEU A 354 0.85 -16.21 29.69
CA LEU A 354 0.62 -15.73 28.34
C LEU A 354 -0.30 -16.65 27.53
N LYS A 355 -0.86 -17.68 28.16
CA LYS A 355 -1.60 -18.68 27.37
C LYS A 355 -2.75 -18.05 26.61
N ASP A 356 -3.57 -17.24 27.28
CA ASP A 356 -4.72 -16.51 26.63
C ASP A 356 -4.25 -15.67 25.47
N VAL A 357 -3.27 -14.80 25.72
CA VAL A 357 -2.83 -13.90 24.67
C VAL A 357 -2.24 -14.67 23.47
N VAL A 358 -1.51 -15.73 23.73
CA VAL A 358 -0.96 -16.52 22.65
C VAL A 358 -2.03 -17.34 21.93
N ASP A 359 -2.80 -18.13 22.67
CA ASP A 359 -3.75 -19.01 22.02
C ASP A 359 -4.95 -18.30 21.38
N ASN A 360 -5.44 -17.24 22.02
CA ASN A 360 -6.68 -16.64 21.58
C ASN A 360 -6.51 -15.36 20.76
N TYR A 361 -5.27 -14.83 20.69
CA TYR A 361 -4.99 -13.63 19.93
C TYR A 361 -3.87 -13.86 18.95
N PHE A 362 -2.67 -14.21 19.40
CA PHE A 362 -1.56 -14.43 18.48
C PHE A 362 -1.89 -15.54 17.45
N LYS A 363 -2.31 -16.68 17.94
CA LYS A 363 -2.64 -17.79 17.03
C LYS A 363 -3.89 -17.55 16.18
N GLN A 364 -4.69 -16.57 16.56
CA GLN A 364 -5.87 -16.16 15.78
C GLN A 364 -5.62 -14.95 14.89
N ASN A 365 -4.35 -14.55 14.72
CA ASN A 365 -3.99 -13.42 13.85
C ASN A 365 -4.61 -12.10 14.30
N LYS A 366 -4.76 -11.93 15.60
CA LYS A 366 -5.25 -10.67 16.14
C LYS A 366 -4.10 -9.89 16.80
N PHE A 367 -3.01 -9.73 16.08
CA PHE A 367 -1.88 -8.93 16.51
C PHE A 367 -1.54 -7.93 15.40
N TYR A 368 -1.07 -6.76 15.80
CA TYR A 368 -0.78 -5.71 14.84
C TYR A 368 0.22 -4.72 15.42
N TRP A 369 0.96 -4.08 14.51
CA TRP A 369 1.80 -2.95 14.82
C TRP A 369 1.79 -2.05 13.57
N VAL A 370 1.91 -0.74 13.76
CA VAL A 370 1.96 0.18 12.60
C VAL A 370 3.36 0.14 11.99
N ASN A 371 3.49 -0.54 10.87
CA ASN A 371 4.78 -0.74 10.18
C ASN A 371 4.74 0.12 8.92
N TRP A 372 5.09 1.40 9.05
CA TRP A 372 4.91 2.36 7.99
C TRP A 372 5.67 1.90 6.72
N PRO A 373 5.05 1.96 5.55
CA PRO A 373 5.79 1.54 4.35
C PRO A 373 6.70 2.57 3.73
N LYS A 374 6.64 3.79 4.22
CA LYS A 374 7.54 4.85 3.77
C LYS A 374 8.08 5.55 4.99
N SER A 375 9.36 5.93 4.96
CA SER A 375 10.02 6.78 5.99
C SER A 375 9.54 6.49 7.43
N PRO A 376 9.77 5.27 7.89
CA PRO A 376 9.19 4.88 9.16
C PRO A 376 9.74 5.69 10.33
N THR A 377 11.00 6.09 10.27
CA THR A 377 11.51 6.92 11.34
C THR A 377 10.85 8.29 11.38
N VAL A 378 10.62 8.91 10.21
CA VAL A 378 10.00 10.18 10.11
C VAL A 378 8.58 10.12 10.67
N MSE A 379 7.85 9.08 10.30
CA MSE A 379 6.46 8.95 10.69
C MSE A 379 6.31 8.59 12.17
O MSE A 379 5.45 9.13 12.85
CB MSE A 379 5.74 7.94 9.82
CG MSE A 379 5.45 8.42 8.45
SE MSE A 379 4.53 10.09 8.25
CE MSE A 379 2.91 9.77 9.22
N SER A 380 7.17 7.73 12.68
CA SER A 380 7.13 7.40 14.11
C SER A 380 7.41 8.65 14.94
N THR A 381 8.40 9.44 14.53
CA THR A 381 8.74 10.67 15.24
C THR A 381 7.53 11.61 15.30
N GLU A 382 6.84 11.78 14.17
CA GLU A 382 5.68 12.66 14.14
C GLU A 382 4.55 12.09 15.03
N GLY A 383 4.35 10.79 14.97
CA GLY A 383 3.31 10.16 15.76
C GLY A 383 3.58 10.26 17.25
N ILE A 384 4.85 10.10 17.63
CA ILE A 384 5.28 10.28 19.02
C ILE A 384 5.00 11.71 19.47
N ALA A 385 5.40 12.69 18.67
CA ALA A 385 5.14 14.10 18.99
C ALA A 385 3.65 14.36 19.18
N GLN A 386 2.80 13.82 18.28
CA GLN A 386 1.38 14.09 18.36
C GLN A 386 0.74 13.41 19.57
N GLN A 387 1.15 12.17 19.86
CA GLN A 387 0.51 11.45 20.95
C GLN A 387 0.78 12.15 22.28
N GLN A 388 2.03 12.64 22.43
CA GLN A 388 2.37 13.38 23.63
C GLN A 388 1.52 14.66 23.78
N LYS A 389 1.32 15.39 22.68
CA LYS A 389 0.49 16.60 22.70
C LYS A 389 -0.97 16.29 23.02
N ILE A 390 -1.47 15.15 22.56
CA ILE A 390 -2.84 14.76 22.92
C ILE A 390 -2.94 14.51 24.40
N VAL A 391 -1.98 13.76 24.95
CA VAL A 391 -2.02 13.40 26.38
C VAL A 391 -2.00 14.67 27.22
N GLN A 392 -1.18 15.64 26.79
CA GLN A 392 -1.04 16.92 27.48
C GLN A 392 -2.15 17.93 27.22
N GLY A 393 -3.19 17.52 26.53
CA GLY A 393 -4.31 18.40 26.29
C GLY A 393 -4.01 19.58 25.37
N GLN A 394 -2.94 19.48 24.57
CA GLN A 394 -2.53 20.60 23.72
C GLN A 394 -3.13 20.58 22.34
N ILE A 395 -3.49 19.42 21.83
CA ILE A 395 -4.08 19.33 20.52
C ILE A 395 -5.26 18.39 20.57
N SER A 396 -6.18 18.54 19.63
CA SER A 396 -7.33 17.66 19.57
C SER A 396 -6.94 16.41 18.80
N ALA A 397 -7.81 15.41 18.88
CA ALA A 397 -7.67 14.21 18.06
C ALA A 397 -7.61 14.54 16.57
N LYS A 398 -8.53 15.36 16.07
CA LYS A 398 -8.51 15.66 14.64
C LYS A 398 -7.23 16.41 14.23
N ASP A 399 -6.73 17.32 15.09
CA ASP A 399 -5.48 18.02 14.79
C ASP A 399 -4.31 17.06 14.68
N ALA A 400 -4.23 16.09 15.60
CA ALA A 400 -3.18 15.06 15.54
C ALA A 400 -3.24 14.28 14.24
N ALA A 401 -4.45 13.86 13.86
CA ALA A 401 -4.62 13.12 12.62
C ALA A 401 -4.26 13.97 11.39
N LYS A 402 -4.63 15.25 11.40
CA LYS A 402 -4.33 16.15 10.29
C LYS A 402 -2.82 16.32 10.17
N ALA A 403 -2.12 16.38 11.31
CA ALA A 403 -0.64 16.49 11.27
C ALA A 403 0.03 15.27 10.65
N LEU A 404 -0.48 14.08 10.98
CA LEU A 404 0.00 12.86 10.37
C LEU A 404 -0.26 12.85 8.84
N ASP A 405 -1.45 13.27 8.41
CA ASP A 405 -1.74 13.35 6.96
C ASP A 405 -0.79 14.35 6.27
N ALA A 406 -0.57 15.49 6.91
CA ALA A 406 0.31 16.54 6.38
C ALA A 406 1.70 16.00 6.22
N LYS A 407 2.19 15.27 7.22
CA LYS A 407 3.51 14.68 7.14
C LYS A 407 3.61 13.58 6.05
N TRP A 408 2.66 12.67 6.06
CA TRP A 408 2.59 11.59 5.07
C TRP A 408 2.57 12.11 3.63
N ALA A 409 1.86 13.20 3.45
CA ALA A 409 1.70 13.80 2.09
C ALA A 409 3.02 14.38 1.57
N THR A 410 4.01 14.58 2.44
CA THR A 410 5.33 15.05 2.03
C THR A 410 6.33 13.96 1.76
N LEU A 411 6.01 12.71 2.09
CA LEU A 411 6.96 11.65 1.84
C LEU A 411 6.99 11.32 0.32
N GLY B 23 -32.58 -24.99 -11.96
CA GLY B 23 -31.37 -25.78 -11.52
C GLY B 23 -31.09 -25.64 -10.04
N THR B 24 -31.96 -24.93 -9.32
CA THR B 24 -31.76 -24.66 -7.89
C THR B 24 -32.92 -25.24 -7.09
N ALA B 25 -32.59 -26.08 -6.11
CA ALA B 25 -33.60 -26.78 -5.29
C ALA B 25 -34.57 -25.79 -4.64
N GLY B 26 -35.81 -26.27 -4.46
CA GLY B 26 -36.87 -25.54 -3.77
C GLY B 26 -37.35 -24.25 -4.43
N GLY B 27 -37.05 -24.06 -5.74
CA GLY B 27 -37.41 -22.86 -6.53
C GLY B 27 -36.51 -21.64 -6.28
N GLY B 28 -35.31 -21.90 -5.76
CA GLY B 28 -34.37 -20.84 -5.44
C GLY B 28 -33.80 -20.08 -6.64
N LYS B 29 -33.21 -18.93 -6.34
CA LYS B 29 -32.55 -18.05 -7.31
C LYS B 29 -31.28 -18.72 -7.83
N THR B 30 -30.88 -18.49 -9.11
CA THR B 30 -29.56 -19.00 -9.52
C THR B 30 -28.53 -18.16 -8.80
N LYS B 31 -27.57 -18.84 -8.20
CA LYS B 31 -26.60 -18.19 -7.34
CA LYS B 31 -26.60 -18.20 -7.33
C LYS B 31 -25.29 -18.07 -8.08
N ILE B 32 -24.73 -16.86 -8.03
CA ILE B 32 -23.37 -16.59 -8.51
C ILE B 32 -22.67 -15.79 -7.44
N SER B 33 -21.35 -15.78 -7.51
CA SER B 33 -20.55 -15.07 -6.52
C SER B 33 -19.74 -13.96 -7.17
N PHE B 34 -19.36 -12.97 -6.38
CA PHE B 34 -18.62 -11.82 -6.89
C PHE B 34 -17.63 -11.49 -5.76
N TYR B 35 -16.35 -11.54 -6.08
CA TYR B 35 -15.31 -11.07 -5.14
C TYR B 35 -14.84 -9.74 -5.68
N SER B 36 -15.16 -8.67 -4.95
CA SER B 36 -15.15 -7.30 -5.45
C SER B 36 -13.99 -6.47 -4.91
N TYR B 37 -13.25 -5.88 -5.83
CA TYR B 37 -12.23 -4.90 -5.49
C TYR B 37 -12.85 -3.66 -4.91
N PHE B 38 -13.99 -3.27 -5.49
CA PHE B 38 -14.69 -2.06 -5.08
C PHE B 38 -15.47 -2.37 -3.83
N LYS B 39 -15.44 -1.44 -2.88
CA LYS B 39 -16.09 -1.69 -1.58
C LYS B 39 -17.60 -1.49 -1.59
N ASP B 40 -18.26 -1.89 -0.49
CA ASP B 40 -19.72 -1.82 -0.44
C ASP B 40 -20.24 -0.42 -0.76
N ASN B 41 -19.55 0.60 -0.26
CA ASN B 41 -19.95 2.00 -0.48
CA ASN B 41 -19.97 1.99 -0.47
C ASN B 41 -19.84 2.44 -1.91
N GLN B 42 -19.04 1.73 -2.71
CA GLN B 42 -18.89 2.03 -4.13
C GLN B 42 -19.79 1.19 -5.01
N ILE B 43 -19.95 -0.09 -4.70
CA ILE B 43 -20.67 -0.98 -5.63
C ILE B 43 -21.86 -1.73 -5.04
N GLY B 44 -22.14 -1.55 -3.75
CA GLY B 44 -23.26 -2.24 -3.11
C GLY B 44 -24.60 -1.92 -3.73
N GLU B 45 -24.80 -0.65 -4.07
CA GLU B 45 -26.04 -0.21 -4.70
C GLU B 45 -26.21 -0.78 -6.09
N VAL B 46 -25.11 -0.99 -6.83
CA VAL B 46 -25.16 -1.64 -8.12
C VAL B 46 -25.63 -3.09 -7.97
N VAL B 47 -25.11 -3.80 -6.99
CA VAL B 47 -25.56 -5.18 -6.75
C VAL B 47 -27.05 -5.25 -6.37
N LYS B 48 -27.48 -4.37 -5.48
CA LYS B 48 -28.89 -4.28 -5.08
C LYS B 48 -29.77 -3.94 -6.27
N GLY B 49 -29.37 -2.95 -7.06
CA GLY B 49 -30.12 -2.61 -8.28
C GLY B 49 -30.22 -3.76 -9.25
N PHE B 50 -29.13 -4.50 -9.41
CA PHE B 50 -29.13 -5.66 -10.30
C PHE B 50 -30.11 -6.72 -9.83
N GLU B 51 -30.12 -6.95 -8.52
CA GLU B 51 -30.96 -8.01 -7.96
C GLU B 51 -32.45 -7.63 -8.03
N LYS B 52 -32.72 -6.34 -7.91
CA LYS B 52 -34.09 -5.83 -8.13
C LYS B 52 -34.55 -6.08 -9.54
N LYS B 53 -33.68 -5.82 -10.51
CA LYS B 53 -34.03 -6.05 -11.90
C LYS B 53 -34.08 -7.52 -12.31
N ASN B 54 -33.38 -8.37 -11.57
CA ASN B 54 -33.16 -9.77 -11.93
C ASN B 54 -33.43 -10.64 -10.73
N PRO B 55 -34.70 -10.76 -10.36
CA PRO B 55 -35.02 -11.38 -9.08
C PRO B 55 -34.73 -12.88 -9.05
N ASP B 56 -34.47 -13.47 -10.19
CA ASP B 56 -34.13 -14.88 -10.32
C ASP B 56 -32.65 -15.16 -10.06
N ILE B 57 -31.86 -14.12 -9.85
CA ILE B 57 -30.42 -14.27 -9.68
C ILE B 57 -30.05 -13.71 -8.32
N THR B 58 -29.27 -14.46 -7.56
CA THR B 58 -28.75 -13.94 -6.29
C THR B 58 -27.23 -13.87 -6.39
N LEU B 59 -26.69 -12.72 -6.04
CA LEU B 59 -25.26 -12.46 -6.17
C LEU B 59 -24.63 -12.47 -4.79
N ASP B 60 -23.83 -13.48 -4.45
CA ASP B 60 -23.12 -13.60 -3.15
C ASP B 60 -21.83 -12.78 -3.25
N VAL B 61 -21.80 -11.61 -2.61
CA VAL B 61 -20.69 -10.66 -2.75
C VAL B 61 -19.82 -10.67 -1.51
N GLN B 62 -18.50 -10.67 -1.72
CA GLN B 62 -17.53 -10.42 -0.68
C GLN B 62 -16.59 -9.36 -1.21
N TYR B 63 -16.08 -8.54 -0.29
CA TYR B 63 -15.30 -7.39 -0.63
C TYR B 63 -13.86 -7.52 -0.21
N GLY B 64 -12.97 -7.06 -1.07
CA GLY B 64 -11.58 -6.93 -0.70
C GLY B 64 -11.43 -5.90 0.41
N GLN B 65 -10.46 -6.11 1.28
CA GLN B 65 -10.13 -5.10 2.31
C GLN B 65 -9.43 -3.85 1.80
N ASP B 66 -8.59 -4.02 0.78
CA ASP B 66 -7.74 -3.01 0.21
C ASP B 66 -7.12 -3.66 -1.04
N PRO B 67 -6.56 -2.85 -1.93
CA PRO B 67 -6.04 -3.37 -3.22
C PRO B 67 -5.04 -4.51 -3.11
N ALA B 68 -4.07 -4.39 -2.21
CA ALA B 68 -3.06 -5.45 -2.08
C ALA B 68 -3.63 -6.73 -1.53
N GLN B 69 -4.50 -6.62 -0.54
CA GLN B 69 -5.11 -7.81 0.04
C GLN B 69 -6.09 -8.43 -0.96
N TYR B 70 -6.74 -7.59 -1.76
CA TYR B 70 -7.71 -8.10 -2.73
C TYR B 70 -6.99 -9.00 -3.74
N ILE B 71 -5.87 -8.52 -4.28
CA ILE B 71 -5.26 -9.30 -5.34
C ILE B 71 -4.65 -10.64 -4.83
N SER B 72 -4.08 -10.63 -3.63
CA SER B 72 -3.47 -11.87 -3.13
C SER B 72 -4.53 -12.91 -2.77
N THR B 73 -5.59 -12.47 -2.12
CA THR B 73 -6.71 -13.35 -1.82
C THR B 73 -7.47 -13.81 -3.07
N LEU B 74 -7.61 -12.94 -4.07
CA LEU B 74 -8.30 -13.37 -5.27
C LEU B 74 -7.51 -14.48 -5.95
N GLN B 75 -6.20 -14.33 -5.97
CA GLN B 75 -5.36 -15.35 -6.61
C GLN B 75 -5.58 -16.72 -5.97
N THR B 76 -5.63 -16.73 -4.63
CA THR B 76 -5.94 -17.94 -3.89
C THR B 76 -7.30 -18.49 -4.25
N ARG B 77 -8.30 -17.62 -4.29
CA ARG B 77 -9.65 -18.04 -4.62
C ARG B 77 -9.77 -18.58 -6.03
N LEU B 78 -9.10 -17.95 -6.99
CA LEU B 78 -9.15 -18.46 -8.38
C LEU B 78 -8.49 -19.83 -8.54
N ALA B 79 -7.49 -20.12 -7.70
CA ALA B 79 -6.77 -21.39 -7.77
C ALA B 79 -7.48 -22.51 -7.01
N GLY B 80 -8.45 -22.18 -6.17
CA GLY B 80 -9.11 -23.13 -5.28
C GLY B 80 -10.37 -23.74 -5.86
N GLY B 81 -11.22 -24.27 -5.00
CA GLY B 81 -12.35 -25.11 -5.46
C GLY B 81 -13.60 -24.33 -5.82
N LYS B 82 -13.63 -23.05 -5.47
CA LYS B 82 -14.83 -22.24 -5.61
C LYS B 82 -14.44 -20.86 -6.11
N PRO B 83 -13.87 -20.79 -7.33
CA PRO B 83 -13.49 -19.47 -7.81
C PRO B 83 -14.73 -18.57 -7.93
N PRO B 84 -14.54 -17.25 -7.69
CA PRO B 84 -15.69 -16.36 -7.77
C PRO B 84 -16.16 -16.24 -9.21
N THR B 85 -17.47 -16.17 -9.40
CA THR B 85 -18.00 -16.07 -10.76
C THR B 85 -17.56 -14.74 -11.42
N ILE B 86 -17.55 -13.69 -10.64
CA ILE B 86 -17.16 -12.37 -11.10
C ILE B 86 -16.05 -11.85 -10.18
N PHE B 87 -15.09 -11.20 -10.80
CA PHE B 87 -13.98 -10.61 -10.07
C PHE B 87 -13.38 -9.47 -10.86
N ASN B 88 -12.36 -8.85 -10.29
CA ASN B 88 -11.72 -7.69 -10.91
C ASN B 88 -10.27 -7.94 -11.34
N LEU B 89 -9.96 -7.42 -12.53
CA LEU B 89 -8.59 -7.31 -13.02
C LEU B 89 -8.12 -5.91 -12.70
N THR B 90 -7.00 -5.84 -12.00
CA THR B 90 -6.43 -4.60 -11.57
C THR B 90 -5.15 -4.37 -12.34
N MSE B 91 -4.56 -3.20 -12.18
CA MSE B 91 -3.31 -2.92 -12.88
C MSE B 91 -2.18 -3.84 -12.45
O MSE B 91 -1.29 -4.19 -13.25
CB MSE B 91 -2.93 -1.43 -12.73
CG MSE B 91 -3.92 -0.46 -13.34
SE MSE B 91 -4.18 -0.67 -15.25
CE MSE B 91 -5.91 -1.63 -15.16
N ASP B 92 -2.24 -4.34 -11.21
CA ASP B 92 -1.22 -5.26 -10.73
C ASP B 92 -1.43 -6.74 -11.04
N ASN B 93 -2.67 -7.18 -11.14
CA ASN B 93 -2.91 -8.60 -11.34
C ASN B 93 -3.32 -8.97 -12.78
N ARG B 94 -3.56 -7.99 -13.63
CA ARG B 94 -4.21 -8.33 -14.91
C ARG B 94 -3.42 -9.31 -15.77
N THR B 95 -2.11 -9.11 -15.88
CA THR B 95 -1.31 -9.93 -16.82
C THR B 95 -1.31 -11.39 -16.36
N ASP B 96 -1.06 -11.61 -15.08
CA ASP B 96 -0.98 -12.97 -14.60
C ASP B 96 -2.34 -13.69 -14.55
N VAL B 97 -3.37 -12.96 -14.15
CA VAL B 97 -4.72 -13.55 -14.16
C VAL B 97 -5.12 -13.94 -15.58
N MSE B 98 -4.94 -13.03 -16.55
CA MSE B 98 -5.29 -13.36 -17.94
C MSE B 98 -4.49 -14.55 -18.46
O MSE B 98 -5.03 -15.44 -19.10
CB MSE B 98 -5.12 -12.18 -18.87
CG MSE B 98 -6.07 -11.03 -18.59
SE MSE B 98 -6.02 -9.56 -19.80
CE MSE B 98 -4.25 -8.82 -19.37
N LYS B 99 -3.19 -14.56 -18.15
CA LYS B 99 -2.31 -15.64 -18.63
CA LYS B 99 -2.30 -15.64 -18.61
C LYS B 99 -2.69 -16.98 -18.03
N SER B 100 -3.20 -16.98 -16.80
CA SER B 100 -3.57 -18.20 -16.05
C SER B 100 -4.75 -18.94 -16.68
N GLY B 101 -5.52 -18.23 -17.51
CA GLY B 101 -6.74 -18.77 -18.08
C GLY B 101 -7.96 -18.71 -17.16
N ALA B 102 -7.84 -18.10 -15.98
CA ALA B 102 -8.94 -18.03 -15.04
C ALA B 102 -10.07 -17.14 -15.51
N ALA B 103 -9.80 -16.23 -16.44
CA ALA B 103 -10.83 -15.30 -16.93
C ALA B 103 -11.39 -15.79 -18.26
N LEU B 104 -12.70 -15.70 -18.36
CA LEU B 104 -13.44 -16.02 -19.57
C LEU B 104 -13.16 -15.03 -20.69
N ASP B 105 -12.93 -15.57 -21.90
CA ASP B 105 -12.84 -14.76 -23.11
C ASP B 105 -14.23 -14.20 -23.41
N ILE B 106 -14.34 -12.87 -23.28
CA ILE B 106 -15.56 -12.14 -23.54
C ILE B 106 -15.46 -11.27 -24.82
N SER B 107 -14.51 -11.60 -25.70
CA SER B 107 -14.27 -10.81 -26.91
C SER B 107 -15.53 -10.60 -27.72
N GLY B 108 -15.81 -9.33 -28.04
CA GLY B 108 -16.91 -9.00 -28.99
C GLY B 108 -18.31 -9.10 -28.41
N GLU B 109 -18.44 -9.39 -27.11
CA GLU B 109 -19.76 -9.61 -26.50
C GLU B 109 -20.58 -8.33 -26.51
N ASP B 110 -21.88 -8.45 -26.72
CA ASP B 110 -22.72 -7.25 -26.88
C ASP B 110 -22.85 -6.44 -25.58
N PHE B 111 -22.63 -7.07 -24.44
CA PHE B 111 -22.66 -6.30 -23.18
C PHE B 111 -21.54 -5.25 -23.02
N LEU B 112 -20.49 -5.34 -23.85
CA LEU B 112 -19.41 -4.34 -23.90
C LEU B 112 -19.76 -3.10 -24.72
N ASP B 113 -20.90 -3.10 -25.39
CA ASP B 113 -21.23 -2.02 -26.30
C ASP B 113 -21.29 -0.70 -25.56
N GLY B 114 -20.81 0.35 -26.21
CA GLY B 114 -20.79 1.67 -25.59
C GLY B 114 -19.41 2.08 -25.13
N ILE B 115 -18.54 1.08 -24.98
CA ILE B 115 -17.16 1.30 -24.48
C ILE B 115 -16.18 1.18 -25.63
N ASP B 116 -15.44 2.25 -25.90
CA ASP B 116 -14.58 2.27 -27.07
C ASP B 116 -13.50 1.17 -26.97
N ASP B 117 -13.17 0.59 -28.12
CA ASP B 117 -12.26 -0.57 -28.19
C ASP B 117 -10.89 -0.28 -27.60
N THR B 118 -10.44 0.98 -27.66
CA THR B 118 -9.15 1.36 -27.03
C THR B 118 -9.05 1.06 -25.54
N ASN B 119 -10.18 1.11 -24.85
CA ASN B 119 -10.22 0.88 -23.43
C ASN B 119 -10.08 -0.55 -23.04
N PHE B 120 -10.09 -1.45 -24.01
CA PHE B 120 -9.90 -2.86 -23.70
C PHE B 120 -8.47 -3.36 -23.79
N ALA B 121 -7.55 -2.52 -24.28
CA ALA B 121 -6.20 -2.96 -24.58
C ALA B 121 -5.53 -3.54 -23.33
N LEU B 122 -5.72 -2.91 -22.18
CA LEU B 122 -5.09 -3.42 -20.95
C LEU B 122 -5.70 -4.74 -20.44
N PHE B 123 -6.87 -5.08 -20.97
CA PHE B 123 -7.62 -6.27 -20.54
C PHE B 123 -7.73 -7.28 -21.66
N GLN B 124 -6.73 -7.25 -22.55
CA GLN B 124 -6.61 -8.18 -23.65
C GLN B 124 -5.28 -8.90 -23.61
N GLN B 125 -5.28 -10.14 -24.09
CA GLN B 125 -4.04 -10.90 -24.25
C GLN B 125 -4.19 -11.88 -25.39
N ASP B 126 -3.15 -12.02 -26.21
CA ASP B 126 -3.18 -12.96 -27.36
C ASP B 126 -4.43 -12.80 -28.24
N GLY B 127 -4.88 -11.55 -28.43
CA GLY B 127 -6.05 -11.27 -29.26
C GLY B 127 -7.42 -11.49 -28.60
N LYS B 128 -7.46 -11.66 -27.28
CA LYS B 128 -8.70 -12.03 -26.59
C LYS B 128 -8.98 -11.02 -25.48
N THR B 129 -10.24 -10.64 -25.32
CA THR B 129 -10.66 -9.67 -24.30
C THR B 129 -11.10 -10.45 -23.07
N TYR B 130 -10.56 -10.09 -21.90
CA TYR B 130 -10.80 -10.82 -20.67
C TYR B 130 -11.45 -9.97 -19.57
N GLY B 131 -11.56 -8.68 -19.80
CA GLY B 131 -12.08 -7.78 -18.80
C GLY B 131 -12.76 -6.58 -19.41
N MSE B 132 -13.67 -6.00 -18.64
CA MSE B 132 -14.42 -4.79 -19.06
C MSE B 132 -14.24 -3.70 -18.03
O MSE B 132 -14.72 -3.80 -16.89
CB MSE B 132 -15.92 -5.13 -19.16
CG MSE B 132 -16.78 -3.94 -19.49
SE MSE B 132 -18.68 -4.28 -19.38
CE MSE B 132 -18.81 -4.38 -17.43
N PRO B 133 -13.59 -2.59 -18.41
CA PRO B 133 -13.59 -1.45 -17.57
C PRO B 133 -14.80 -0.57 -17.87
N VAL B 134 -15.32 0.13 -16.87
CA VAL B 134 -16.44 1.04 -17.08
C VAL B 134 -16.19 2.44 -16.62
N SER B 135 -15.04 2.72 -16.00
CA SER B 135 -14.80 4.00 -15.34
C SER B 135 -13.30 4.31 -15.41
N ALA B 136 -12.96 5.57 -15.23
CA ALA B 136 -11.59 6.03 -15.47
C ALA B 136 -11.30 7.26 -14.65
N TRP B 137 -10.02 7.48 -14.42
CA TRP B 137 -9.54 8.68 -13.81
C TRP B 137 -8.81 9.52 -14.88
N VAL B 138 -8.70 10.82 -14.63
CA VAL B 138 -7.98 11.72 -15.53
C VAL B 138 -7.11 12.70 -14.76
N GLY B 139 -6.08 13.20 -15.46
CA GLY B 139 -5.20 14.25 -14.92
C GLY B 139 -4.78 15.19 -16.03
N ALA B 140 -4.47 16.43 -15.65
CA ALA B 140 -4.14 17.46 -16.64
C ALA B 140 -3.41 18.62 -15.99
N PHE B 141 -3.18 19.68 -16.74
CA PHE B 141 -2.48 20.88 -16.23
C PHE B 141 -3.49 21.88 -15.73
N PHE B 142 -3.23 22.39 -14.52
CA PHE B 142 -3.98 23.47 -13.95
C PHE B 142 -3.07 24.68 -13.92
N TYR B 143 -3.59 25.85 -14.30
CA TYR B 143 -2.74 27.02 -14.41
C TYR B 143 -3.35 28.26 -13.82
N ASN B 144 -2.50 29.14 -13.35
CA ASN B 144 -2.92 30.38 -12.73
C ASN B 144 -3.08 31.45 -13.81
N LYS B 145 -4.31 31.78 -14.13
CA LYS B 145 -4.56 32.71 -15.24
C LYS B 145 -3.89 34.06 -15.07
N ASP B 146 -3.81 34.54 -13.84
CA ASP B 146 -3.21 35.84 -13.59
C ASP B 146 -1.69 35.84 -13.81
N ILE B 147 -0.99 34.75 -13.44
CA ILE B 147 0.44 34.66 -13.69
C ILE B 147 0.70 34.55 -15.19
N LEU B 148 -0.10 33.75 -15.88
CA LEU B 148 0.05 33.61 -17.33
C LEU B 148 -0.19 34.96 -18.02
N LYS B 149 -1.25 35.65 -17.62
CA LYS B 149 -1.57 36.94 -18.24
CA LYS B 149 -1.58 36.95 -18.21
C LYS B 149 -0.44 37.96 -18.04
N LYS B 150 0.18 37.97 -16.85
CA LYS B 150 1.32 38.88 -16.59
CA LYS B 150 1.32 38.88 -16.59
C LYS B 150 2.50 38.56 -17.51
N ALA B 151 2.63 37.30 -17.92
CA ALA B 151 3.69 36.87 -18.83
C ALA B 151 3.28 37.04 -20.29
N GLY B 152 2.10 37.61 -20.52
CA GLY B 152 1.61 37.86 -21.87
C GLY B 152 0.84 36.73 -22.52
N TYR B 153 0.36 35.76 -21.73
CA TYR B 153 -0.40 34.61 -22.25
C TYR B 153 -1.86 34.65 -21.83
N ASP B 154 -2.74 34.80 -22.81
CA ASP B 154 -4.18 34.70 -22.57
C ASP B 154 -4.72 33.32 -22.81
N LYS B 155 -3.93 32.45 -23.44
CA LYS B 155 -4.32 31.06 -23.73
C LYS B 155 -3.17 30.15 -23.29
N PHE B 156 -3.46 28.88 -23.01
CA PHE B 156 -2.40 27.97 -22.59
C PHE B 156 -1.64 27.45 -23.80
N PRO B 157 -0.29 27.36 -23.72
CA PRO B 157 0.51 26.85 -24.85
C PRO B 157 0.07 25.47 -25.36
N LYS B 158 0.09 25.33 -26.68
CA LYS B 158 -0.34 24.08 -27.31
C LYS B 158 0.77 23.05 -27.47
N THR B 159 2.03 23.50 -27.67
CA THR B 159 3.15 22.57 -27.86
C THR B 159 4.17 22.71 -26.74
N TRP B 160 4.97 21.66 -26.56
CA TRP B 160 6.01 21.67 -25.53
C TRP B 160 7.00 22.80 -25.76
N ASP B 161 7.35 23.06 -27.01
CA ASP B 161 8.27 24.18 -27.27
C ASP B 161 7.65 25.50 -26.79
N GLU B 162 6.36 25.71 -27.04
CA GLU B 162 5.68 26.91 -26.56
C GLU B 162 5.55 26.97 -25.03
N PHE B 163 5.35 25.80 -24.41
CA PHE B 163 5.32 25.69 -22.96
C PHE B 163 6.67 26.14 -22.34
N ILE B 164 7.77 25.79 -22.98
CA ILE B 164 9.09 26.21 -22.57
C ILE B 164 9.24 27.73 -22.71
N GLU B 165 8.79 28.28 -23.82
CA GLU B 165 8.82 29.74 -24.02
C GLU B 165 8.01 30.45 -22.93
N MSE B 166 6.78 29.98 -22.68
CA MSE B 166 5.96 30.52 -21.57
C MSE B 166 6.67 30.47 -20.23
O MSE B 166 6.68 31.47 -19.47
CB MSE B 166 4.64 29.75 -21.46
CG MSE B 166 3.63 30.21 -20.40
SE MSE B 166 2.72 28.68 -19.59
CE MSE B 166 4.22 27.79 -18.70
N GLY B 167 7.21 29.31 -19.89
CA GLY B 167 7.85 29.12 -18.61
C GLY B 167 9.03 30.08 -18.42
N LYS B 168 9.81 30.26 -19.47
CA LYS B 168 10.95 31.17 -19.40
C LYS B 168 10.48 32.59 -19.08
N LYS B 169 9.35 32.99 -19.66
CA LYS B 169 8.81 34.32 -19.42
C LYS B 169 8.33 34.45 -18.00
N ILE B 170 7.59 33.46 -17.51
CA ILE B 170 7.10 33.51 -16.14
C ILE B 170 8.26 33.58 -15.15
N ASN B 171 9.32 32.81 -15.41
CA ASN B 171 10.43 32.77 -14.47
C ASN B 171 11.22 34.08 -14.50
N SER B 172 11.27 34.72 -15.66
CA SER B 172 11.91 36.04 -15.76
C SER B 172 11.05 37.18 -15.20
N ASN B 173 9.79 36.89 -14.92
CA ASN B 173 8.85 37.79 -14.24
C ASN B 173 8.88 37.69 -12.72
N GLY B 174 9.73 36.85 -12.15
CA GLY B 174 9.87 36.78 -10.70
C GLY B 174 8.94 35.78 -10.03
N SER B 175 8.23 34.98 -10.84
CA SER B 175 7.37 33.92 -10.33
C SER B 175 8.03 32.57 -10.66
N THR B 176 7.32 31.46 -10.42
CA THR B 176 7.82 30.12 -10.75
C THR B 176 6.86 29.53 -11.78
N ALA B 177 7.37 29.09 -12.91
CA ALA B 177 6.51 28.62 -14.00
C ALA B 177 5.83 27.31 -13.64
N PHE B 178 6.64 26.38 -13.15
CA PHE B 178 6.21 24.98 -13.08
C PHE B 178 6.98 24.27 -11.98
N LEU B 179 6.28 23.44 -11.23
CA LEU B 179 6.86 22.46 -10.31
C LEU B 179 6.12 21.15 -10.49
N GLU B 180 6.79 20.02 -10.25
CA GLU B 180 6.13 18.76 -10.43
C GLU B 180 6.71 17.70 -9.54
N ASP B 181 5.84 16.81 -9.06
CA ASP B 181 6.27 15.57 -8.43
C ASP B 181 6.62 14.51 -9.49
N PHE B 182 7.90 14.44 -9.81
CA PHE B 182 8.49 13.38 -10.63
C PHE B 182 9.36 12.52 -9.68
N ASN B 183 8.94 12.54 -8.41
CA ASN B 183 9.69 11.98 -7.29
C ASN B 183 9.01 10.77 -6.64
N THR B 184 7.67 10.66 -6.76
CA THR B 184 6.89 9.49 -6.31
C THR B 184 6.20 8.66 -7.36
N GLN B 185 6.22 9.11 -8.62
CA GLN B 185 5.64 8.41 -9.74
C GLN B 185 6.31 8.93 -10.97
N ILE B 186 6.09 8.23 -12.07
CA ILE B 186 6.41 8.72 -13.41
C ILE B 186 5.67 10.07 -13.51
N ALA B 187 6.37 11.07 -14.02
CA ALA B 187 5.83 12.43 -14.09
C ALA B 187 4.61 12.45 -15.00
N GLY B 188 3.58 13.17 -14.58
CA GLY B 188 2.43 13.36 -15.43
C GLY B 188 2.73 14.14 -16.70
N SER B 189 3.59 15.15 -16.61
CA SER B 189 3.93 15.92 -17.79
C SER B 189 4.72 15.06 -18.80
N PHE B 190 5.67 14.27 -18.30
CA PHE B 190 6.41 13.35 -19.16
C PHE B 190 5.45 12.40 -19.85
N THR B 191 4.49 11.88 -19.08
CA THR B 191 3.55 10.92 -19.63
C THR B 191 2.68 11.55 -20.68
N GLY B 192 2.27 12.79 -20.48
CA GLY B 192 1.55 13.52 -21.52
C GLY B 192 2.35 13.76 -22.78
N LEU B 193 3.64 14.04 -22.63
CA LEU B 193 4.51 14.26 -23.77
C LEU B 193 4.73 12.93 -24.54
N LEU B 194 4.87 11.83 -23.80
CA LEU B 194 5.05 10.49 -24.36
C LEU B 194 3.78 10.10 -25.12
N ALA B 195 2.65 10.37 -24.49
CA ALA B 195 1.36 10.04 -25.11
C ALA B 195 1.21 10.76 -26.45
N SER B 196 1.60 12.02 -26.50
CA SER B 196 1.57 12.80 -27.73
C SER B 196 2.55 12.29 -28.77
N TYR B 197 3.78 11.96 -28.33
CA TYR B 197 4.76 11.34 -29.20
C TYR B 197 4.19 10.17 -29.95
N TYR B 198 3.42 9.33 -29.25
CA TYR B 198 2.76 8.22 -29.90
C TYR B 198 1.47 8.60 -30.65
N GLY B 199 0.64 9.42 -30.03
CA GLY B 199 -0.64 9.82 -30.64
C GLY B 199 -0.51 10.59 -31.91
N GLU B 200 0.54 11.41 -32.01
CA GLU B 200 0.83 12.19 -33.21
C GLU B 200 1.15 11.29 -34.40
N GLN B 201 1.53 10.05 -34.14
CA GLN B 201 1.73 9.04 -35.18
C GLN B 201 0.47 8.28 -35.50
N GLY B 202 -0.65 8.68 -34.90
CA GLY B 202 -1.90 7.93 -35.09
C GLY B 202 -2.15 6.74 -34.20
N LYS B 203 -1.35 6.54 -33.13
CA LYS B 203 -1.44 5.35 -32.28
C LYS B 203 -2.52 5.61 -31.21
N SER B 204 -3.08 4.53 -30.70
CA SER B 204 -4.12 4.60 -29.68
C SER B 204 -4.07 3.39 -28.74
N GLY B 205 -4.79 3.49 -27.63
CA GLY B 205 -4.90 2.38 -26.69
C GLY B 205 -3.71 2.31 -25.77
N ASP B 206 -3.11 1.12 -25.68
CA ASP B 206 -1.92 0.90 -24.86
C ASP B 206 -0.75 1.34 -25.72
N LEU B 207 -0.43 2.62 -25.60
CA LEU B 207 0.51 3.25 -26.54
C LEU B 207 1.87 2.63 -26.53
N ASP B 208 2.27 2.08 -25.39
CA ASP B 208 3.58 1.41 -25.25
C ASP B 208 3.54 -0.10 -25.64
N ALA B 209 2.46 -0.53 -26.31
CA ALA B 209 2.29 -1.94 -26.68
C ALA B 209 3.52 -2.59 -27.30
N ASP B 210 4.20 -1.87 -28.19
CA ASP B 210 5.34 -2.46 -28.88
C ASP B 210 6.54 -2.67 -27.94
N ILE B 211 6.65 -1.90 -26.87
CA ILE B 211 7.71 -2.17 -25.86
C ILE B 211 7.32 -3.45 -25.10
N TRP B 212 6.06 -3.58 -24.69
CA TRP B 212 5.63 -4.75 -23.96
C TRP B 212 5.83 -6.04 -24.77
N SER B 213 5.57 -5.99 -26.07
CA SER B 213 5.68 -7.19 -26.91
C SER B 213 7.11 -7.49 -27.31
N GLY B 214 8.01 -6.54 -27.13
CA GLY B 214 9.40 -6.70 -27.57
C GLY B 214 9.69 -6.21 -28.98
N LYS B 215 8.68 -5.72 -29.68
CA LYS B 215 8.86 -5.17 -31.02
C LYS B 215 9.72 -3.88 -31.02
N SER B 216 9.61 -3.12 -29.95
CA SER B 216 10.36 -1.89 -29.81
C SER B 216 10.95 -1.86 -28.39
N THR B 217 11.60 -0.76 -28.06
CA THR B 217 12.33 -0.61 -26.81
C THR B 217 12.13 0.78 -26.27
N PHE B 218 12.49 0.99 -25.00
CA PHE B 218 12.58 2.34 -24.44
C PHE B 218 13.60 3.15 -25.17
N THR B 219 14.75 2.54 -25.52
CA THR B 219 15.81 3.24 -26.23
C THR B 219 15.29 3.87 -27.51
N LYS B 220 14.48 3.14 -28.25
CA LYS B 220 13.95 3.64 -29.51
C LYS B 220 12.97 4.77 -29.29
N ASP B 221 11.97 4.54 -28.45
CA ASP B 221 10.82 5.43 -28.38
C ASP B 221 10.78 6.40 -27.20
N TRP B 222 11.32 6.02 -26.05
CA TRP B 222 11.32 6.98 -24.93
C TRP B 222 12.46 8.00 -25.00
N THR B 223 13.58 7.63 -25.61
CA THR B 223 14.72 8.55 -25.70
C THR B 223 14.33 9.95 -26.21
N PRO B 224 13.62 10.07 -27.35
CA PRO B 224 13.26 11.42 -27.85
C PRO B 224 12.34 12.20 -26.93
N VAL B 225 11.54 11.47 -26.18
CA VAL B 225 10.64 12.07 -25.22
C VAL B 225 11.43 12.57 -24.03
N PHE B 226 12.35 11.74 -23.51
CA PHE B 226 13.25 12.22 -22.43
C PHE B 226 14.00 13.48 -22.92
N LYS B 227 14.45 13.48 -24.17
CA LYS B 227 15.25 14.61 -24.70
C LYS B 227 14.42 15.88 -24.69
N ARG B 228 13.17 15.80 -25.17
CA ARG B 228 12.29 16.97 -25.20
C ARG B 228 11.91 17.40 -23.79
N TRP B 229 11.64 16.44 -22.91
CA TRP B 229 11.31 16.73 -21.51
C TRP B 229 12.50 17.43 -20.84
N GLU B 230 13.71 16.92 -21.06
CA GLU B 230 14.94 17.46 -20.48
C GLU B 230 15.15 18.91 -20.96
N ALA B 231 14.69 19.24 -22.17
CA ALA B 231 14.84 20.62 -22.67
C ALA B 231 14.18 21.62 -21.75
N ALA B 232 13.07 21.25 -21.12
CA ALA B 232 12.40 22.10 -20.18
C ALA B 232 13.23 22.29 -18.91
N ALA B 233 13.92 21.24 -18.49
CA ALA B 233 14.82 21.34 -17.36
C ALA B 233 16.02 22.21 -17.71
N LYS B 234 16.57 22.04 -18.90
CA LYS B 234 17.73 22.83 -19.30
C LYS B 234 17.38 24.33 -19.32
N ALA B 235 16.12 24.63 -19.67
CA ALA B 235 15.63 26.02 -19.74
C ALA B 235 15.27 26.59 -18.38
N GLY B 236 15.32 25.76 -17.32
CA GLY B 236 14.91 26.17 -15.98
C GLY B 236 13.41 26.11 -15.72
N VAL B 237 12.65 25.62 -16.70
CA VAL B 237 11.18 25.56 -16.58
C VAL B 237 10.77 24.39 -15.66
N ILE B 238 11.45 23.24 -15.78
CA ILE B 238 11.41 22.20 -14.71
C ILE B 238 12.64 22.49 -13.85
N PRO B 239 12.45 23.12 -12.70
CA PRO B 239 13.59 23.67 -11.99
C PRO B 239 14.24 22.65 -11.06
N GLN B 240 15.50 22.91 -10.72
CA GLN B 240 16.22 22.02 -9.80
C GLN B 240 15.51 21.91 -8.46
N LYS B 241 14.87 22.98 -8.04
CA LYS B 241 14.16 22.99 -6.76
C LYS B 241 12.94 22.08 -6.75
N SER B 242 12.51 21.61 -7.91
CA SER B 242 11.43 20.62 -7.95
C SER B 242 11.84 19.17 -7.60
N VAL B 243 13.14 18.88 -7.53
CA VAL B 243 13.60 17.54 -7.24
C VAL B 243 13.27 17.32 -5.78
N GLY B 244 12.58 16.22 -5.48
CA GLY B 244 12.22 15.87 -4.10
C GLY B 244 10.92 16.44 -3.57
N LEU B 245 10.19 17.21 -4.38
CA LEU B 245 8.89 17.76 -3.97
C LEU B 245 7.79 16.73 -4.14
N SER B 246 6.84 16.72 -3.19
CA SER B 246 5.67 15.88 -3.29
C SER B 246 4.58 16.69 -3.96
N ALA B 247 3.56 15.99 -4.41
CA ALA B 247 2.41 16.63 -5.10
C ALA B 247 1.76 17.65 -4.19
N ASP B 248 1.68 17.36 -2.90
CA ASP B 248 1.07 18.27 -1.99
C ASP B 248 1.86 19.55 -1.80
N GLN B 249 3.19 19.47 -1.87
CA GLN B 249 4.00 20.66 -1.77
C GLN B 249 3.82 21.55 -3.02
N VAL B 250 3.67 20.91 -4.17
CA VAL B 250 3.41 21.63 -5.42
C VAL B 250 2.07 22.35 -5.27
N LYS B 251 1.06 21.64 -4.83
CA LYS B 251 -0.27 22.21 -4.63
C LYS B 251 -0.25 23.41 -3.69
N GLN B 252 0.52 23.32 -2.60
CA GLN B 252 0.64 24.48 -1.71
C GLN B 252 1.24 25.71 -2.38
N GLU B 253 2.22 25.53 -3.25
CA GLU B 253 2.75 26.67 -3.99
C GLU B 253 1.72 27.26 -4.95
N PHE B 254 0.91 26.40 -5.52
CA PHE B 254 -0.10 26.83 -6.47
C PHE B 254 -1.16 27.65 -5.74
N VAL B 255 -1.67 27.14 -4.62
CA VAL B 255 -2.74 27.88 -3.91
C VAL B 255 -2.23 29.18 -3.29
N SER B 256 -0.94 29.24 -2.99
CA SER B 256 -0.31 30.46 -2.49
C SER B 256 -0.12 31.56 -3.55
N GLY B 257 -0.34 31.24 -4.83
CA GLY B 257 -0.20 32.20 -5.92
C GLY B 257 1.22 32.37 -6.39
N ASN B 258 2.08 31.40 -6.12
CA ASN B 258 3.50 31.47 -6.45
C ASN B 258 3.85 30.59 -7.62
N LEU B 259 2.88 29.97 -8.28
CA LEU B 259 3.19 28.91 -9.25
C LEU B 259 2.30 29.02 -10.48
N GLY B 260 2.88 29.10 -11.68
CA GLY B 260 2.08 29.25 -12.88
C GLY B 260 1.27 28.03 -13.27
N VAL B 261 1.89 26.85 -13.16
CA VAL B 261 1.29 25.61 -13.67
C VAL B 261 1.59 24.44 -12.77
N MSE B 262 0.61 23.56 -12.56
CA MSE B 262 0.86 22.28 -11.93
C MSE B 262 0.06 21.20 -12.61
O MSE B 262 -0.97 21.49 -13.24
CB MSE B 262 0.44 22.28 -10.46
CG MSE B 262 -1.03 22.40 -10.26
SE MSE B 262 -1.51 22.13 -8.31
CE MSE B 262 -3.35 22.34 -8.37
N ARG B 263 0.54 19.97 -12.47
CA ARG B 263 -0.23 18.79 -12.88
C ARG B 263 -1.15 18.40 -11.74
N SER B 264 -2.41 18.18 -12.07
CA SER B 264 -3.37 17.83 -11.04
C SER B 264 -4.55 17.11 -11.66
N GLY B 265 -5.58 16.96 -10.88
CA GLY B 265 -6.77 16.30 -11.35
C GLY B 265 -7.95 16.64 -10.50
N PRO B 266 -9.05 15.96 -10.75
CA PRO B 266 -10.28 16.28 -10.08
C PRO B 266 -10.17 16.23 -8.56
N TRP B 267 -9.30 15.39 -8.05
CA TRP B 267 -9.07 15.27 -6.61
C TRP B 267 -8.70 16.59 -5.92
N ASP B 268 -8.11 17.54 -6.66
CA ASP B 268 -7.71 18.83 -6.08
C ASP B 268 -8.71 19.95 -6.30
N LEU B 269 -9.77 19.68 -7.06
CA LEU B 269 -10.59 20.74 -7.55
C LEU B 269 -11.26 21.50 -6.40
N PRO B 270 -11.75 20.78 -5.37
CA PRO B 270 -12.35 21.49 -4.23
C PRO B 270 -11.40 22.50 -3.55
N ASP B 271 -10.16 22.08 -3.29
CA ASP B 271 -9.17 22.99 -2.70
C ASP B 271 -8.87 24.17 -3.61
N LEU B 272 -8.81 23.92 -4.92
CA LEU B 272 -8.55 25.02 -5.86
C LEU B 272 -9.68 26.03 -5.87
N GLN B 273 -10.91 25.55 -5.81
CA GLN B 273 -12.07 26.44 -5.82
CA GLN B 273 -12.05 26.46 -5.79
C GLN B 273 -12.10 27.30 -4.54
N LYS B 274 -11.77 26.70 -3.41
CA LYS B 274 -11.75 27.45 -2.16
C LYS B 274 -10.54 28.43 -2.09
N SER B 275 -9.49 28.19 -2.87
CA SER B 275 -8.36 29.15 -2.92
C SER B 275 -8.74 30.46 -3.58
N ASP B 276 -7.85 31.45 -3.52
CA ASP B 276 -8.05 32.72 -4.22
C ASP B 276 -7.61 32.68 -5.68
N ILE B 277 -7.22 31.52 -6.19
CA ILE B 277 -6.61 31.46 -7.52
C ILE B 277 -7.64 31.39 -8.63
N ASP B 278 -7.50 32.29 -9.61
CA ASP B 278 -8.29 32.21 -10.84
C ASP B 278 -7.56 31.22 -11.75
N PHE B 279 -8.02 29.99 -11.80
CA PHE B 279 -7.29 28.93 -12.52
C PHE B 279 -8.01 28.41 -13.76
N GLY B 280 -7.23 27.92 -14.72
CA GLY B 280 -7.81 27.18 -15.84
C GLY B 280 -7.24 25.78 -15.88
N VAL B 281 -7.79 24.97 -16.79
CA VAL B 281 -7.37 23.61 -16.98
C VAL B 281 -7.00 23.46 -18.47
N ALA B 282 -5.91 22.77 -18.73
CA ALA B 282 -5.48 22.50 -20.10
C ALA B 282 -4.91 21.10 -20.22
N PRO B 283 -4.97 20.52 -21.44
CA PRO B 283 -4.27 19.27 -21.66
C PRO B 283 -2.74 19.56 -21.66
N PHE B 284 -1.96 18.50 -21.60
CA PHE B 284 -0.51 18.66 -21.66
C PHE B 284 -0.15 19.17 -23.05
N PRO B 285 0.90 19.96 -23.13
CA PRO B 285 1.42 20.42 -24.42
C PRO B 285 1.80 19.23 -25.29
N ALA B 286 1.60 19.39 -26.59
CA ALA B 286 1.96 18.39 -27.56
C ALA B 286 3.45 18.24 -27.74
N TYR B 287 3.83 17.04 -28.15
CA TYR B 287 5.24 16.77 -28.49
C TYR B 287 5.70 17.72 -29.62
N SER B 288 4.89 17.89 -30.66
CA SER B 288 5.26 18.73 -31.77
C SER B 288 4.15 19.44 -32.53
N LYS B 289 2.95 18.87 -32.51
CA LYS B 289 1.88 19.33 -33.38
C LYS B 289 0.89 20.25 -32.64
N GLU B 290 0.33 21.22 -33.36
CA GLU B 290 -0.61 22.17 -32.70
C GLU B 290 -1.88 21.49 -32.18
N ASP B 291 -2.23 20.32 -32.70
CA ASP B 291 -3.36 19.56 -32.20
C ASP B 291 -2.98 18.26 -31.54
N GLY B 292 -1.73 18.14 -31.10
CA GLY B 292 -1.24 16.86 -30.59
C GLY B 292 -1.31 16.61 -29.10
N GLN B 293 -2.24 17.28 -28.41
CA GLN B 293 -2.27 17.22 -26.94
C GLN B 293 -3.03 16.00 -26.42
N TRP B 294 -2.55 15.50 -25.28
CA TRP B 294 -3.12 14.39 -24.55
C TRP B 294 -3.34 14.80 -23.10
N ILE B 295 -4.17 14.02 -22.40
CA ILE B 295 -4.22 14.16 -20.94
C ILE B 295 -3.76 12.83 -20.31
N ASN B 296 -3.55 12.86 -19.00
CA ASN B 296 -3.30 11.64 -18.23
C ASN B 296 -4.65 10.94 -17.98
N GLY B 297 -4.62 9.63 -17.91
CA GLY B 297 -5.75 8.92 -17.37
C GLY B 297 -5.62 7.45 -17.61
N GLY B 298 -6.54 6.71 -17.02
CA GLY B 298 -6.59 5.27 -17.23
C GLY B 298 -7.81 4.64 -16.61
N PRO B 299 -8.02 3.35 -16.90
CA PRO B 299 -9.22 2.68 -16.37
C PRO B 299 -9.09 2.39 -14.90
N ASP B 300 -10.19 2.48 -14.20
CA ASP B 300 -10.26 2.12 -12.77
C ASP B 300 -10.67 0.64 -12.64
N GLN B 301 -9.73 -0.22 -13.00
CA GLN B 301 -9.87 -1.69 -12.96
C GLN B 301 -10.87 -2.16 -14.00
N GLY B 302 -10.98 -3.47 -14.14
CA GLY B 302 -11.90 -4.10 -15.09
C GLY B 302 -12.62 -5.24 -14.41
N PHE B 303 -13.74 -5.65 -15.01
CA PHE B 303 -14.57 -6.73 -14.49
C PHE B 303 -14.42 -7.94 -15.39
N ALA B 304 -14.31 -9.10 -14.79
CA ALA B 304 -14.11 -10.36 -15.50
C ALA B 304 -15.01 -11.42 -14.91
N ILE B 305 -15.15 -12.49 -15.68
CA ILE B 305 -15.95 -13.65 -15.34
C ILE B 305 -15.06 -14.88 -15.27
N ALA B 306 -15.36 -15.80 -14.35
CA ALA B 306 -14.53 -16.98 -14.19
C ALA B 306 -14.74 -17.92 -15.36
N SER B 307 -13.66 -18.32 -16.00
CA SER B 307 -13.76 -19.35 -17.05
C SER B 307 -14.19 -20.72 -16.49
N ARG B 308 -13.91 -20.99 -15.21
CA ARG B 308 -14.29 -22.26 -14.60
C ARG B 308 -15.78 -22.35 -14.19
N ALA B 309 -16.50 -21.24 -14.27
CA ALA B 309 -17.91 -21.24 -13.87
C ALA B 309 -18.74 -22.09 -14.83
N SER B 310 -19.94 -22.48 -14.40
CA SER B 310 -20.83 -23.24 -15.26
C SER B 310 -21.44 -22.34 -16.34
N ASP B 311 -22.01 -22.94 -17.37
CA ASP B 311 -22.64 -22.14 -18.41
C ASP B 311 -23.78 -21.25 -17.85
N LYS B 312 -24.58 -21.81 -16.93
CA LYS B 312 -25.67 -21.08 -16.29
C LYS B 312 -25.16 -19.89 -15.45
N GLU B 313 -24.09 -20.13 -14.70
CA GLU B 313 -23.44 -19.08 -13.92
C GLU B 313 -22.85 -17.98 -14.81
N LYS B 314 -22.25 -18.37 -15.92
CA LYS B 314 -21.66 -17.39 -16.84
C LYS B 314 -22.73 -16.52 -17.44
N ALA B 315 -23.86 -17.15 -17.81
CA ALA B 315 -24.98 -16.41 -18.41
C ALA B 315 -25.47 -15.37 -17.41
N ALA B 316 -25.54 -15.77 -16.14
CA ALA B 316 -26.01 -14.87 -15.10
C ALA B 316 -25.00 -13.74 -14.84
N ALA B 317 -23.73 -14.08 -14.89
CA ALA B 317 -22.70 -13.11 -14.66
C ALA B 317 -22.65 -12.08 -15.81
N LYS B 318 -22.89 -12.52 -17.04
CA LYS B 318 -22.97 -11.60 -18.20
C LYS B 318 -24.13 -10.61 -18.03
N LYS B 319 -25.20 -11.05 -17.38
CA LYS B 319 -26.27 -10.14 -17.06
C LYS B 319 -25.86 -9.08 -16.06
N PHE B 320 -25.04 -9.47 -15.10
CA PHE B 320 -24.49 -8.51 -14.15
C PHE B 320 -23.61 -7.52 -14.87
N LEU B 321 -22.70 -8.00 -15.71
CA LEU B 321 -21.81 -7.08 -16.43
C LEU B 321 -22.63 -6.14 -17.36
N ALA B 322 -23.69 -6.66 -17.97
CA ALA B 322 -24.54 -5.82 -18.81
C ALA B 322 -25.21 -4.73 -17.98
N TYR B 323 -25.61 -5.09 -16.75
CA TYR B 323 -26.25 -4.13 -15.87
C TYR B 323 -25.25 -3.08 -15.41
N LEU B 324 -24.03 -3.49 -15.09
CA LEU B 324 -23.00 -2.52 -14.73
C LEU B 324 -22.80 -1.53 -15.88
N ASN B 325 -22.74 -2.04 -17.10
CA ASN B 325 -22.62 -1.19 -18.30
C ASN B 325 -24.02 -0.82 -18.83
N SER B 326 -24.77 -0.12 -17.98
CA SER B 326 -26.09 0.41 -18.30
C SER B 326 -26.22 1.77 -17.62
N GLU B 327 -27.19 2.58 -18.05
CA GLU B 327 -27.32 3.91 -17.52
CA GLU B 327 -27.33 3.92 -17.49
C GLU B 327 -27.47 3.85 -16.00
N GLU B 328 -28.37 2.98 -15.52
CA GLU B 328 -28.63 2.86 -14.07
C GLU B 328 -27.39 2.35 -13.31
N GLY B 329 -26.74 1.34 -13.87
CA GLY B 329 -25.56 0.79 -13.24
C GLY B 329 -24.43 1.80 -13.15
N LEU B 330 -24.19 2.51 -14.25
CA LEU B 330 -23.05 3.44 -14.37
C LEU B 330 -23.29 4.69 -13.53
N GLU B 331 -24.54 5.14 -13.48
CA GLU B 331 -24.87 6.30 -12.67
CA GLU B 331 -24.87 6.30 -12.66
C GLU B 331 -24.52 6.00 -11.22
N ALA B 332 -24.96 4.83 -10.73
CA ALA B 332 -24.73 4.41 -9.37
C ALA B 332 -23.25 4.26 -9.06
N PHE B 333 -22.54 3.59 -9.96
CA PHE B 333 -21.16 3.23 -9.70
C PHE B 333 -20.26 4.46 -9.78
N THR B 334 -20.43 5.27 -10.82
CA THR B 334 -19.51 6.42 -10.98
C THR B 334 -19.81 7.54 -9.98
N SER B 335 -21.05 7.70 -9.54
CA SER B 335 -21.38 8.68 -8.51
CA SER B 335 -21.39 8.67 -8.49
C SER B 335 -20.71 8.27 -7.20
N ALA B 336 -20.83 6.98 -6.86
CA ALA B 336 -20.24 6.42 -5.64
C ALA B 336 -18.70 6.40 -5.65
N ALA B 337 -18.11 6.16 -6.82
CA ALA B 337 -16.62 6.07 -6.95
C ALA B 337 -15.87 7.38 -7.23
N GLY B 338 -16.56 8.42 -7.71
CA GLY B 338 -15.92 9.69 -8.12
C GLY B 338 -15.11 9.62 -9.42
N THR B 339 -15.45 8.64 -10.26
CA THR B 339 -14.69 8.45 -11.48
C THR B 339 -15.54 8.89 -12.68
N LEU B 340 -14.94 8.84 -13.86
CA LEU B 340 -15.66 9.15 -15.09
C LEU B 340 -16.07 7.92 -15.86
N SER B 341 -17.26 7.92 -16.44
CA SER B 341 -17.72 6.78 -17.21
C SER B 341 -16.97 6.62 -18.54
N LEU B 342 -16.61 5.38 -18.85
CA LEU B 342 -16.03 4.99 -20.13
C LEU B 342 -17.05 4.56 -21.16
N SER B 343 -18.33 4.61 -20.79
CA SER B 343 -19.39 4.09 -21.65
C SER B 343 -20.36 5.18 -22.09
N SER B 344 -20.72 5.11 -23.35
CA SER B 344 -21.67 6.05 -23.93
C SER B 344 -23.06 5.84 -23.32
N LYS B 345 -23.27 4.75 -22.59
CA LYS B 345 -24.54 4.54 -21.88
C LYS B 345 -24.80 5.50 -20.71
N TYR B 346 -23.74 6.18 -20.25
CA TYR B 346 -23.88 7.18 -19.22
C TYR B 346 -22.78 8.20 -19.36
N ASN B 347 -23.16 9.43 -19.65
CA ASN B 347 -22.17 10.48 -19.83
C ASN B 347 -21.74 11.04 -18.50
N ALA B 348 -20.42 11.23 -18.36
CA ALA B 348 -19.86 11.86 -17.18
C ALA B 348 -20.41 13.29 -17.08
N GLU B 349 -20.54 13.77 -15.84
CA GLU B 349 -21.04 15.11 -15.52
C GLU B 349 -19.97 15.98 -14.83
N PRO B 350 -18.87 16.29 -15.55
CA PRO B 350 -17.82 17.09 -14.98
C PRO B 350 -18.20 18.56 -14.82
N PRO B 351 -17.54 19.23 -13.87
CA PRO B 351 -17.74 20.65 -13.70
C PRO B 351 -17.19 21.50 -14.84
N ALA B 352 -17.54 22.78 -14.82
CA ALA B 352 -17.25 23.68 -15.92
C ALA B 352 -15.76 23.69 -16.23
N GLU B 353 -14.96 23.68 -15.17
CA GLU B 353 -13.51 23.82 -15.28
CA GLU B 353 -13.51 23.84 -15.34
C GLU B 353 -12.88 22.62 -16.01
N LEU B 354 -13.52 21.45 -15.91
CA LEU B 354 -12.98 20.25 -16.56
C LEU B 354 -13.69 19.89 -17.86
N LYS B 355 -14.75 20.63 -18.20
CA LYS B 355 -15.59 20.21 -19.32
C LYS B 355 -14.82 20.09 -20.62
N ASP B 356 -13.98 21.08 -20.90
CA ASP B 356 -13.25 21.05 -22.14
C ASP B 356 -12.23 19.89 -22.23
N VAL B 357 -11.44 19.61 -21.18
CA VAL B 357 -10.55 18.44 -21.24
C VAL B 357 -11.30 17.12 -21.29
N VAL B 358 -12.45 17.05 -20.62
CA VAL B 358 -13.24 15.84 -20.69
C VAL B 358 -13.85 15.67 -22.08
N ASP B 359 -14.46 16.71 -22.61
CA ASP B 359 -15.10 16.60 -23.92
C ASP B 359 -14.10 16.41 -25.07
N ASN B 360 -12.98 17.11 -25.04
CA ASN B 360 -12.10 17.17 -26.19
C ASN B 360 -10.93 16.19 -26.12
N TYR B 361 -10.66 15.64 -24.92
CA TYR B 361 -9.56 14.67 -24.76
C TYR B 361 -10.04 13.34 -24.20
N PHE B 362 -10.70 13.34 -23.05
CA PHE B 362 -11.12 12.08 -22.45
C PHE B 362 -12.11 11.33 -23.39
N LYS B 363 -13.14 12.03 -23.83
CA LYS B 363 -14.15 11.34 -24.66
CA LYS B 363 -14.19 11.47 -24.73
C LYS B 363 -13.65 11.06 -26.09
N GLN B 364 -12.48 11.58 -26.44
CA GLN B 364 -11.86 11.31 -27.73
C GLN B 364 -10.70 10.29 -27.61
N ASN B 365 -10.62 9.63 -26.45
CA ASN B 365 -9.62 8.62 -26.15
C ASN B 365 -8.22 9.13 -26.19
N LYS B 366 -8.04 10.39 -25.83
CA LYS B 366 -6.71 10.98 -25.80
CA LYS B 366 -6.71 10.98 -25.80
C LYS B 366 -6.22 11.09 -24.36
N PHE B 367 -6.33 10.00 -23.62
CA PHE B 367 -5.80 9.92 -22.27
C PHE B 367 -4.91 8.67 -22.16
N TYR B 368 -3.85 8.77 -21.34
CA TYR B 368 -2.90 7.67 -21.24
C TYR B 368 -2.16 7.73 -19.91
N TRP B 369 -1.76 6.55 -19.47
CA TRP B 369 -0.85 6.38 -18.33
C TRP B 369 0.03 5.16 -18.65
N VAL B 370 1.27 5.15 -18.18
CA VAL B 370 2.16 3.99 -18.41
C VAL B 370 1.83 2.90 -17.35
N ASN B 371 1.10 1.90 -17.80
CA ASN B 371 0.63 0.78 -16.97
C ASN B 371 1.47 -0.44 -17.25
N TRP B 372 2.66 -0.49 -16.65
CA TRP B 372 3.62 -1.54 -16.90
C TRP B 372 2.96 -2.91 -16.66
N PRO B 373 3.10 -3.83 -17.59
CA PRO B 373 2.33 -5.08 -17.42
C PRO B 373 2.94 -6.06 -16.44
N LYS B 374 4.17 -5.81 -16.00
CA LYS B 374 4.85 -6.66 -15.04
C LYS B 374 5.61 -5.81 -14.04
N SER B 375 5.61 -6.25 -12.79
CA SER B 375 6.30 -5.58 -11.68
C SER B 375 6.28 -4.06 -11.78
N PRO B 376 5.08 -3.48 -11.84
CA PRO B 376 5.00 -2.05 -12.07
C PRO B 376 5.70 -1.21 -11.05
N THR B 377 5.77 -1.62 -9.79
CA THR B 377 6.43 -0.81 -8.77
C THR B 377 7.93 -0.74 -9.05
N VAL B 378 8.50 -1.83 -9.51
CA VAL B 378 9.95 -1.84 -9.85
C VAL B 378 10.25 -0.87 -10.98
N MSE B 379 9.40 -0.90 -12.01
CA MSE B 379 9.63 -0.03 -13.15
C MSE B 379 9.36 1.41 -12.83
O MSE B 379 10.11 2.26 -13.26
CB MSE B 379 8.83 -0.46 -14.36
CG MSE B 379 9.27 -1.78 -15.02
SE MSE B 379 11.08 -1.77 -15.60
CE MSE B 379 10.90 -0.46 -17.05
N SER B 380 8.32 1.69 -12.06
CA SER B 380 8.07 3.09 -11.66
C SER B 380 9.24 3.61 -10.84
N THR B 381 9.77 2.79 -9.96
CA THR B 381 10.92 3.19 -9.15
C THR B 381 12.14 3.53 -10.00
N GLU B 382 12.40 2.69 -10.98
CA GLU B 382 13.50 2.95 -11.90
C GLU B 382 13.26 4.22 -12.70
N GLY B 383 12.05 4.39 -13.19
CA GLY B 383 11.72 5.58 -13.97
C GLY B 383 11.84 6.88 -13.17
N ILE B 384 11.45 6.83 -11.91
CA ILE B 384 11.59 7.96 -11.00
C ILE B 384 13.06 8.36 -10.91
N ALA B 385 13.94 7.37 -10.72
CA ALA B 385 15.36 7.62 -10.62
C ALA B 385 15.89 8.29 -11.89
N GLN B 386 15.46 7.82 -13.06
CA GLN B 386 15.92 8.42 -14.32
C GLN B 386 15.42 9.86 -14.44
N GLN B 387 14.18 10.12 -14.08
CA GLN B 387 13.61 11.48 -14.16
C GLN B 387 14.43 12.44 -13.33
N GLN B 388 14.75 12.02 -12.12
CA GLN B 388 15.50 12.88 -11.21
C GLN B 388 16.91 13.17 -11.74
N LYS B 389 17.57 12.15 -12.27
CA LYS B 389 18.90 12.31 -12.88
C LYS B 389 18.88 13.20 -14.12
N ILE B 390 17.83 13.07 -14.94
CA ILE B 390 17.67 13.88 -16.15
C ILE B 390 17.52 15.34 -15.77
N VAL B 391 16.66 15.62 -14.80
CA VAL B 391 16.41 16.99 -14.40
C VAL B 391 17.69 17.63 -13.88
N GLN B 392 18.49 16.85 -13.18
CA GLN B 392 19.74 17.33 -12.62
C GLN B 392 20.93 17.27 -13.57
N GLY B 393 20.69 16.89 -14.82
CA GLY B 393 21.75 16.84 -15.83
C GLY B 393 22.82 15.79 -15.55
N GLN B 394 22.45 14.74 -14.84
CA GLN B 394 23.38 13.72 -14.39
C GLN B 394 23.46 12.57 -15.40
N ILE B 395 22.47 12.47 -16.28
CA ILE B 395 22.47 11.45 -17.32
C ILE B 395 21.84 12.00 -18.59
N SER B 396 22.14 11.33 -19.69
CA SER B 396 21.54 11.71 -20.99
C SER B 396 20.16 11.07 -21.17
N ALA B 397 19.40 11.58 -22.13
CA ALA B 397 18.12 10.97 -22.52
C ALA B 397 18.28 9.48 -22.89
N LYS B 398 19.27 9.19 -23.73
CA LYS B 398 19.51 7.82 -24.16
C LYS B 398 19.87 6.93 -22.97
N ASP B 399 20.69 7.42 -22.07
CA ASP B 399 21.06 6.60 -20.93
C ASP B 399 19.90 6.30 -19.96
N ALA B 400 18.99 7.27 -19.82
CA ALA B 400 17.73 7.08 -19.06
C ALA B 400 16.93 5.92 -19.65
N ALA B 401 16.79 5.93 -20.97
CA ALA B 401 16.01 4.93 -21.66
C ALA B 401 16.70 3.58 -21.62
N LYS B 402 18.00 3.55 -21.83
CA LYS B 402 18.74 2.28 -21.69
C LYS B 402 18.62 1.67 -20.29
N ALA B 403 18.58 2.50 -19.28
CA ALA B 403 18.34 2.01 -17.91
C ALA B 403 17.02 1.29 -17.76
N LEU B 404 15.99 1.83 -18.43
CA LEU B 404 14.65 1.25 -18.38
C LEU B 404 14.66 -0.05 -19.20
N ASP B 405 15.35 -0.08 -20.33
CA ASP B 405 15.41 -1.34 -21.06
C ASP B 405 16.13 -2.44 -20.27
N ALA B 406 17.25 -2.08 -19.65
CA ALA B 406 17.99 -3.03 -18.85
C ALA B 406 17.16 -3.55 -17.65
N LYS B 407 16.43 -2.67 -16.98
CA LYS B 407 15.57 -3.12 -15.87
C LYS B 407 14.44 -3.98 -16.38
N TRP B 408 13.79 -3.57 -17.48
CA TRP B 408 12.66 -4.30 -17.98
C TRP B 408 13.06 -5.73 -18.38
N ALA B 409 14.30 -5.89 -18.84
CA ALA B 409 14.77 -7.22 -19.22
C ALA B 409 14.67 -8.23 -18.07
N THR B 410 14.83 -7.74 -16.85
CA THR B 410 14.86 -8.60 -15.67
C THR B 410 13.47 -8.99 -15.21
N LEU B 411 12.44 -8.36 -15.77
CA LEU B 411 11.05 -8.45 -15.26
C LEU B 411 10.09 -8.96 -16.27
N LYS B 412 10.48 -8.75 -17.53
CA LYS B 412 9.61 -8.96 -18.66
C LYS B 412 9.39 -10.46 -18.77
S SO4 C . 9.25 -30.20 9.15
O1 SO4 C . 8.82 -29.16 10.07
O2 SO4 C . 9.63 -29.65 7.83
O3 SO4 C . 10.38 -30.94 9.72
O4 SO4 C . 8.10 -31.08 8.95
S SO4 D . -0.76 -23.53 4.41
O1 SO4 D . 0.20 -22.44 4.34
O2 SO4 D . -2.03 -23.07 3.86
O3 SO4 D . -0.28 -24.68 3.65
O4 SO4 D . -0.96 -23.92 5.81
C ACY E . 11.04 1.14 4.05
O ACY E . 11.17 2.39 4.14
OXT ACY E . 11.73 0.45 3.26
CH3 ACY E . 9.96 0.52 4.91
S SO4 F . -1.46 34.04 -26.04
O1 SO4 F . -0.09 34.26 -26.58
O2 SO4 F . -2.37 33.67 -27.13
O3 SO4 F . -1.39 32.94 -25.08
O4 SO4 F . -1.94 35.25 -25.35
C ACY G . -14.13 -6.37 -27.60
O ACY G . -15.18 -6.18 -28.32
OXT ACY G . -13.66 -7.49 -27.36
CH3 ACY G . -13.41 -5.17 -27.04
S SO4 H . -9.40 22.02 -23.83
O1 SO4 H . -8.09 22.04 -24.49
O2 SO4 H . -10.42 21.46 -24.74
O3 SO4 H . -9.35 21.22 -22.62
O4 SO4 H . -9.74 23.38 -23.48
S SO4 I . -29.05 1.48 -21.01
O1 SO4 I . -27.92 2.31 -20.62
O2 SO4 I . -29.55 2.05 -22.26
O3 SO4 I . -28.64 0.09 -21.28
O4 SO4 I . -30.06 1.52 -19.95
#